data_7KQA
#
_entry.id   7KQA
#
_cell.length_a   57.920
_cell.length_b   90.440
_cell.length_c   126.720
_cell.angle_alpha   90.000
_cell.angle_beta   90.000
_cell.angle_gamma   90.000
#
_symmetry.space_group_name_H-M   'P 21 21 21'
#
loop_
_entity.id
_entity.type
_entity.pdbx_description
1 polymer 'Iron dicitrate transport regulator FecR'
2 non-polymer 'CITRIC ACID'
3 non-polymer GLYCEROL
4 water water
#
_entity_poly.entity_id   1
_entity_poly.type   'polypeptide(L)'
_entity_poly.pdbx_seq_one_letter_code
;MAHHHHHHMSLSDPTSTLMFAEAAEAADVVARQFSRNHATMETLAASLRAAPPPFVVTCARGSSDHAATYGKYLLETQLG
LVVASASPSVGSVYAAPLQLRGALFIVISQSGKSPDLLRNAEAAKAAGARVIALVNVEDSPLAQLADTVIPLHAGAEKSV
AATKSYLASLAALLQLAAYWKQDSSLRAALDLLPDALREAWQCDWSAVTEGLVEATNLFVLGRGLGLGAAQEAALKFKET
CSLHAEAYSSAEVKHGPMALVDRGFPVLAFAQPDETGAGTRAVVEEFTARGAQVWMAGAGGNLPVAAAPHPLCAPLLTVQ
SFYRAINALALRRGFNPDLPPHLNKVTETV
;
_entity_poly.pdbx_strand_id   A,B
#
# COMPACT_ATOMS: atom_id res chain seq x y z
N HIS A 6 -19.98 -10.84 -29.17
CA HIS A 6 -18.74 -10.67 -28.44
C HIS A 6 -17.55 -10.39 -29.37
N HIS A 7 -16.65 -9.53 -28.89
CA HIS A 7 -15.44 -9.24 -29.62
C HIS A 7 -14.64 -10.52 -29.85
N HIS A 8 -14.05 -10.65 -31.04
CA HIS A 8 -13.19 -11.79 -31.35
C HIS A 8 -11.78 -11.28 -31.59
N MET A 9 -10.81 -11.92 -30.94
CA MET A 9 -9.41 -11.55 -31.07
C MET A 9 -8.60 -12.74 -31.59
N SER A 10 -7.30 -12.52 -31.74
CA SER A 10 -6.38 -13.55 -32.20
C SER A 10 -5.12 -13.46 -31.33
N LEU A 11 -4.69 -14.61 -30.81
CA LEU A 11 -3.45 -14.65 -30.02
C LEU A 11 -2.24 -14.15 -30.81
N SER A 12 -2.26 -14.31 -32.13
CA SER A 12 -1.11 -13.95 -32.96
C SER A 12 -1.11 -12.49 -33.38
N ASP A 13 -2.14 -11.72 -33.03
CA ASP A 13 -2.27 -10.33 -33.45
C ASP A 13 -2.49 -9.45 -32.22
N PRO A 14 -1.43 -8.82 -31.70
CA PRO A 14 -1.61 -7.95 -30.52
C PRO A 14 -2.58 -6.81 -30.74
N THR A 15 -2.75 -6.36 -31.98
CA THR A 15 -3.65 -5.25 -32.24
C THR A 15 -5.12 -5.67 -32.20
N SER A 16 -5.41 -6.94 -31.96
CA SER A 16 -6.77 -7.47 -32.11
C SER A 16 -7.60 -7.43 -30.83
N THR A 17 -7.04 -7.02 -29.70
CA THR A 17 -7.77 -7.05 -28.45
C THR A 17 -8.48 -5.73 -28.16
N LEU A 18 -9.48 -5.80 -27.30
CA LEU A 18 -10.10 -4.58 -26.79
C LEU A 18 -9.10 -3.79 -25.94
N MET A 19 -8.26 -4.48 -25.17
CA MET A 19 -7.26 -3.77 -24.38
C MET A 19 -6.37 -2.91 -25.28
N PHE A 20 -5.93 -3.45 -26.42
CA PHE A 20 -5.10 -2.67 -27.33
C PHE A 20 -5.87 -1.47 -27.86
N ALA A 21 -7.09 -1.70 -28.37
CA ALA A 21 -7.86 -0.61 -28.95
C ALA A 21 -8.14 0.48 -27.94
N GLU A 22 -8.46 0.09 -26.71
CA GLU A 22 -8.87 1.08 -25.71
C GLU A 22 -7.66 1.83 -25.15
N ALA A 23 -6.53 1.15 -24.96
CA ALA A 23 -5.32 1.86 -24.57
C ALA A 23 -4.89 2.81 -25.69
N ALA A 24 -5.08 2.40 -26.94
CA ALA A 24 -4.71 3.27 -28.07
C ALA A 24 -5.50 4.56 -28.07
N GLU A 25 -6.71 4.54 -27.51
CA GLU A 25 -7.59 5.71 -27.43
C GLU A 25 -7.15 6.73 -26.40
N ALA A 26 -6.20 6.39 -25.51
CA ALA A 26 -5.98 7.22 -24.33
C ALA A 26 -5.64 8.66 -24.69
N ALA A 27 -4.82 8.85 -25.71
CA ALA A 27 -4.45 10.22 -26.07
C ALA A 27 -5.67 11.03 -26.52
N ASP A 28 -6.51 10.43 -27.37
CA ASP A 28 -7.74 11.11 -27.79
C ASP A 28 -8.63 11.41 -26.59
N VAL A 29 -8.67 10.49 -25.63
CA VAL A 29 -9.48 10.67 -24.42
C VAL A 29 -9.00 11.87 -23.64
N VAL A 30 -7.68 11.97 -23.44
CA VAL A 30 -7.13 13.05 -22.63
C VAL A 30 -7.37 14.39 -23.32
N ALA A 31 -7.16 14.44 -24.64
CA ALA A 31 -7.40 15.69 -25.37
C ALA A 31 -8.84 16.17 -25.22
N ARG A 32 -9.80 15.28 -25.40
CA ARG A 32 -11.18 15.72 -25.32
C ARG A 32 -11.63 15.96 -23.89
N GLN A 33 -11.07 15.22 -22.93
CA GLN A 33 -11.38 15.47 -21.53
C GLN A 33 -10.94 16.87 -21.13
N PHE A 34 -9.71 17.26 -21.49
CA PHE A 34 -9.20 18.57 -21.14
C PHE A 34 -10.05 19.68 -21.76
N SER A 35 -10.47 19.49 -23.01
CA SER A 35 -11.30 20.50 -23.67
C SER A 35 -12.68 20.60 -23.02
N ARG A 36 -13.32 19.46 -22.79
CA ARG A 36 -14.67 19.46 -22.23
C ARG A 36 -14.70 19.92 -20.79
N ASN A 37 -13.63 19.70 -20.04
CA ASN A 37 -13.63 19.99 -18.60
C ASN A 37 -13.02 21.32 -18.24
N HIS A 38 -12.58 22.10 -19.24
CA HIS A 38 -11.84 23.33 -18.95
C HIS A 38 -12.64 24.26 -18.03
N ALA A 39 -13.90 24.53 -18.38
CA ALA A 39 -14.68 25.50 -17.60
C ALA A 39 -14.97 24.97 -16.21
N THR A 40 -15.34 23.70 -16.10
CA THR A 40 -15.60 23.10 -14.80
C THR A 40 -14.37 23.17 -13.91
N MET A 41 -13.18 22.90 -14.49
CA MET A 41 -11.96 22.90 -13.69
C MET A 41 -11.59 24.29 -13.24
N GLU A 42 -11.76 25.30 -14.11
CA GLU A 42 -11.47 26.66 -13.68
C GLU A 42 -12.38 27.06 -12.53
N THR A 43 -13.66 26.67 -12.59
CA THR A 43 -14.59 27.02 -11.53
C THR A 43 -14.23 26.32 -10.22
N LEU A 44 -13.91 25.02 -10.31
CA LEU A 44 -13.52 24.27 -9.11
C LEU A 44 -12.23 24.84 -8.51
N ALA A 45 -11.24 25.10 -9.36
CA ALA A 45 -9.95 25.56 -8.88
C ALA A 45 -10.06 26.92 -8.21
N ALA A 46 -10.85 27.83 -8.79
CA ALA A 46 -11.04 29.13 -8.16
C ALA A 46 -11.72 28.98 -6.81
N SER A 47 -12.68 28.05 -6.70
CA SER A 47 -13.37 27.85 -5.44
C SER A 47 -12.43 27.29 -4.37
N LEU A 48 -11.54 26.37 -4.75
CA LEU A 48 -10.56 25.85 -3.81
C LEU A 48 -9.56 26.91 -3.37
N ARG A 49 -9.20 27.82 -4.26
CA ARG A 49 -8.32 28.93 -3.86
C ARG A 49 -9.04 29.87 -2.91
N ALA A 50 -10.34 30.07 -3.11
CA ALA A 50 -11.09 30.98 -2.25
C ALA A 50 -11.36 30.38 -0.88
N ALA A 51 -11.39 29.05 -0.77
CA ALA A 51 -11.63 28.35 0.50
C ALA A 51 -10.67 27.18 0.59
N PRO A 52 -9.41 27.43 0.95
CA PRO A 52 -8.39 26.37 0.94
C PRO A 52 -8.75 25.24 1.89
N PRO A 53 -8.73 24.00 1.43
CA PRO A 53 -9.02 22.88 2.32
C PRO A 53 -7.85 22.60 3.25
N PRO A 54 -8.10 22.05 4.44
CA PRO A 54 -6.98 21.76 5.36
C PRO A 54 -6.11 20.61 4.91
N PHE A 55 -6.66 19.66 4.16
CA PHE A 55 -5.97 18.48 3.65
C PHE A 55 -6.91 17.82 2.65
N VAL A 56 -6.45 16.72 2.06
CA VAL A 56 -7.17 16.00 1.01
C VAL A 56 -7.27 14.55 1.42
N VAL A 57 -8.38 13.90 1.04
CA VAL A 57 -8.57 12.47 1.25
C VAL A 57 -9.04 11.88 -0.07
N THR A 58 -8.42 10.79 -0.50
CA THR A 58 -8.84 10.10 -1.72
C THR A 58 -9.55 8.80 -1.35
N CYS A 59 -10.37 8.32 -2.28
CA CYS A 59 -11.16 7.11 -2.02
C CYS A 59 -11.43 6.40 -3.33
N ALA A 60 -10.94 5.17 -3.48
CA ALA A 60 -11.02 4.52 -4.79
C ALA A 60 -10.75 3.03 -4.65
N ARG A 61 -11.06 2.29 -5.70
CA ARG A 61 -10.87 0.84 -5.77
C ARG A 61 -10.12 0.48 -7.03
N GLY A 62 -9.41 -0.66 -6.98
CA GLY A 62 -8.80 -1.20 -8.19
C GLY A 62 -7.82 -0.23 -8.82
N SER A 63 -7.87 -0.15 -10.16
CA SER A 63 -6.98 0.77 -10.87
C SER A 63 -7.23 2.22 -10.47
N SER A 64 -8.46 2.55 -10.06
CA SER A 64 -8.70 3.91 -9.58
C SER A 64 -7.91 4.22 -8.32
N ASP A 65 -7.69 3.22 -7.46
CA ASP A 65 -6.87 3.42 -6.27
C ASP A 65 -5.42 3.69 -6.67
N HIS A 66 -4.95 3.03 -7.71
CA HIS A 66 -3.61 3.35 -8.21
C HIS A 66 -3.55 4.79 -8.70
N ALA A 67 -4.61 5.26 -9.34
CA ALA A 67 -4.66 6.66 -9.74
C ALA A 67 -4.68 7.57 -8.52
N ALA A 68 -5.41 7.19 -7.47
CA ALA A 68 -5.42 7.99 -6.24
C ALA A 68 -4.03 8.10 -5.64
N THR A 69 -3.20 7.05 -5.77
CA THR A 69 -1.84 7.11 -5.24
C THR A 69 -0.98 8.11 -6.00
N TYR A 70 -1.18 8.22 -7.31
CA TYR A 70 -0.56 9.32 -8.06
C TYR A 70 -1.04 10.67 -7.53
N GLY A 71 -2.36 10.79 -7.30
CA GLY A 71 -2.91 12.02 -6.77
C GLY A 71 -2.29 12.44 -5.46
N LYS A 72 -1.97 11.46 -4.59
CA LYS A 72 -1.30 11.79 -3.34
C LYS A 72 0.00 12.56 -3.58
N TYR A 73 0.89 11.99 -4.40
CA TYR A 73 2.18 12.65 -4.60
C TYR A 73 2.05 13.90 -5.44
N LEU A 74 1.08 13.92 -6.36
CA LEU A 74 0.84 15.13 -7.15
C LEU A 74 0.42 16.29 -6.26
N LEU A 75 -0.63 16.09 -5.45
CA LEU A 75 -1.14 17.20 -4.65
C LEU A 75 -0.24 17.55 -3.48
N GLU A 76 0.43 16.57 -2.88
CA GLU A 76 1.38 16.90 -1.80
C GLU A 76 2.51 17.77 -2.34
N THR A 77 3.11 17.39 -3.48
CA THR A 77 4.27 18.16 -3.94
C THR A 77 3.88 19.46 -4.63
N GLN A 78 2.70 19.54 -5.26
CA GLN A 78 2.35 20.75 -6.01
C GLN A 78 1.49 21.73 -5.23
N LEU A 79 0.62 21.25 -4.36
CA LEU A 79 -0.22 22.13 -3.54
C LEU A 79 0.21 22.18 -2.09
N GLY A 80 1.12 21.31 -1.66
CA GLY A 80 1.52 21.30 -0.27
C GLY A 80 0.45 20.80 0.67
N LEU A 81 -0.52 20.04 0.18
CA LEU A 81 -1.59 19.49 1.00
C LEU A 81 -1.30 18.03 1.29
N VAL A 82 -1.42 17.64 2.56
CA VAL A 82 -1.36 16.23 2.92
C VAL A 82 -2.52 15.49 2.29
N VAL A 83 -2.25 14.30 1.74
CA VAL A 83 -3.30 13.49 1.12
C VAL A 83 -3.34 12.15 1.85
N ALA A 84 -4.49 11.83 2.42
CA ALA A 84 -4.71 10.53 3.06
C ALA A 84 -5.68 9.70 2.25
N SER A 85 -5.72 8.41 2.54
CA SER A 85 -6.59 7.47 1.85
C SER A 85 -7.74 7.01 2.72
N ALA A 86 -8.95 7.03 2.16
CA ALA A 86 -10.11 6.38 2.72
C ALA A 86 -10.59 5.25 1.81
N SER A 87 -9.68 4.70 1.01
CA SER A 87 -10.07 3.63 0.10
C SER A 87 -10.47 2.38 0.88
N PRO A 88 -11.44 1.61 0.38
CA PRO A 88 -11.77 0.33 1.04
C PRO A 88 -10.57 -0.58 1.28
N SER A 89 -9.56 -0.54 0.40
CA SER A 89 -8.37 -1.34 0.58
C SER A 89 -7.74 -1.14 1.96
N VAL A 90 -7.67 0.10 2.43
CA VAL A 90 -6.96 0.43 3.67
C VAL A 90 -7.88 0.95 4.76
N GLY A 91 -9.19 1.00 4.52
CA GLY A 91 -10.12 1.60 5.45
C GLY A 91 -11.00 0.59 6.19
N SER A 92 -11.82 1.14 7.08
CA SER A 92 -12.69 0.29 7.88
C SER A 92 -13.84 -0.23 7.04
N VAL A 93 -14.32 -1.41 7.45
CA VAL A 93 -15.50 -2.03 6.84
C VAL A 93 -16.72 -1.14 7.03
N TYR A 94 -16.78 -0.41 8.15
CA TYR A 94 -17.98 0.31 8.58
C TYR A 94 -17.73 1.80 8.41
N ALA A 95 -18.31 2.37 7.36
CA ALA A 95 -18.18 3.80 7.12
C ALA A 95 -18.70 4.58 8.32
N ALA A 96 -17.86 5.46 8.83
CA ALA A 96 -18.10 6.18 10.07
C ALA A 96 -17.56 7.59 9.90
N PRO A 97 -18.06 8.55 10.69
CA PRO A 97 -17.63 9.95 10.51
C PRO A 97 -16.18 10.16 10.94
N LEU A 98 -15.38 10.70 10.04
CA LEU A 98 -14.07 11.20 10.36
C LEU A 98 -14.13 12.73 10.43
N GLN A 99 -13.12 13.32 11.05
CA GLN A 99 -13.07 14.77 11.18
C GLN A 99 -12.59 15.34 9.85
N LEU A 100 -13.57 15.68 8.99
CA LEU A 100 -13.33 16.00 7.60
C LEU A 100 -13.84 17.39 7.20
N ARG A 101 -14.27 18.19 8.17
CA ARG A 101 -14.91 19.48 7.85
C ARG A 101 -14.00 20.34 6.98
N GLY A 102 -14.48 20.66 5.76
CA GLY A 102 -13.73 21.47 4.84
C GLY A 102 -12.69 20.75 4.00
N ALA A 103 -12.38 19.50 4.32
CA ALA A 103 -11.40 18.73 3.54
C ALA A 103 -11.94 18.42 2.16
N LEU A 104 -11.03 18.27 1.20
CA LEU A 104 -11.39 17.87 -0.15
C LEU A 104 -11.36 16.35 -0.21
N PHE A 105 -12.51 15.74 -0.53
CA PHE A 105 -12.65 14.29 -0.56
C PHE A 105 -12.84 13.88 -2.01
N ILE A 106 -11.83 13.23 -2.58
CA ILE A 106 -11.79 12.93 -4.02
C ILE A 106 -12.08 11.44 -4.20
N VAL A 107 -13.22 11.12 -4.82
CA VAL A 107 -13.55 9.74 -5.16
C VAL A 107 -13.26 9.53 -6.64
N ILE A 108 -12.53 8.46 -6.96
CA ILE A 108 -12.23 8.11 -8.34
C ILE A 108 -12.86 6.77 -8.64
N SER A 109 -13.63 6.70 -9.73
CA SER A 109 -14.30 5.45 -10.06
C SER A 109 -14.70 5.45 -11.53
N GLN A 110 -14.44 4.34 -12.22
CA GLN A 110 -14.91 4.26 -13.61
C GLN A 110 -16.43 4.26 -13.66
N SER A 111 -17.08 3.36 -12.93
CA SER A 111 -18.53 3.19 -13.05
C SER A 111 -19.32 4.01 -12.04
N GLY A 112 -18.70 4.38 -10.92
CA GLY A 112 -19.39 5.15 -9.91
C GLY A 112 -20.52 4.42 -9.20
N LYS A 113 -20.46 3.09 -9.11
CA LYS A 113 -21.54 2.30 -8.54
C LYS A 113 -21.19 1.53 -7.29
N SER A 114 -19.91 1.34 -7.00
CA SER A 114 -19.50 0.44 -5.91
C SER A 114 -20.15 0.85 -4.59
N PRO A 115 -20.89 -0.05 -3.94
CA PRO A 115 -21.62 0.35 -2.73
C PRO A 115 -20.73 0.93 -1.64
N ASP A 116 -19.53 0.38 -1.44
CA ASP A 116 -18.73 0.91 -0.35
C ASP A 116 -18.07 2.24 -0.71
N LEU A 117 -17.80 2.51 -1.99
CA LEU A 117 -17.40 3.87 -2.36
C LEU A 117 -18.53 4.85 -2.06
N LEU A 118 -19.77 4.46 -2.37
CA LEU A 118 -20.92 5.33 -2.09
C LEU A 118 -21.06 5.59 -0.60
N ARG A 119 -20.91 4.55 0.24
CA ARG A 119 -21.03 4.75 1.68
C ARG A 119 -19.94 5.67 2.20
N ASN A 120 -18.69 5.47 1.77
CA ASN A 120 -17.61 6.33 2.25
C ASN A 120 -17.82 7.78 1.82
N ALA A 121 -18.31 8.00 0.59
CA ALA A 121 -18.58 9.37 0.13
C ALA A 121 -19.75 10.00 0.88
N GLU A 122 -20.80 9.22 1.13
CA GLU A 122 -21.89 9.75 1.96
C GLU A 122 -21.39 10.10 3.35
N ALA A 123 -20.52 9.27 3.92
CA ALA A 123 -19.97 9.56 5.23
C ALA A 123 -19.18 10.86 5.20
N ALA A 124 -18.38 11.06 4.15
CA ALA A 124 -17.56 12.26 4.05
C ALA A 124 -18.40 13.51 3.92
N LYS A 125 -19.45 13.45 3.09
CA LYS A 125 -20.33 14.59 2.94
C LYS A 125 -21.05 14.90 4.25
N ALA A 126 -21.55 13.87 4.95
CA ALA A 126 -22.20 14.09 6.23
C ALA A 126 -21.25 14.71 7.25
N ALA A 127 -19.96 14.46 7.11
CA ALA A 127 -18.96 15.03 8.01
C ALA A 127 -18.46 16.40 7.55
N GLY A 128 -19.03 16.96 6.50
CA GLY A 128 -18.68 18.31 6.07
C GLY A 128 -17.59 18.41 5.04
N ALA A 129 -17.17 17.31 4.43
CA ALA A 129 -16.16 17.37 3.40
C ALA A 129 -16.76 17.87 2.09
N ARG A 130 -15.90 18.40 1.24
CA ARG A 130 -16.26 18.74 -0.13
C ARG A 130 -15.95 17.52 -1.01
N VAL A 131 -16.99 16.90 -1.56
CA VAL A 131 -16.85 15.65 -2.29
C VAL A 131 -16.77 15.95 -3.78
N ILE A 132 -15.67 15.56 -4.43
CA ILE A 132 -15.59 15.65 -5.88
C ILE A 132 -15.40 14.25 -6.41
N ALA A 133 -16.02 13.96 -7.56
CA ALA A 133 -15.99 12.64 -8.16
C ALA A 133 -15.33 12.71 -9.53
N LEU A 134 -14.27 11.95 -9.72
CA LEU A 134 -13.67 11.73 -11.03
C LEU A 134 -14.24 10.39 -11.50
N VAL A 135 -15.22 10.45 -12.39
CA VAL A 135 -16.02 9.28 -12.73
C VAL A 135 -16.23 9.24 -14.23
N ASN A 136 -16.25 8.04 -14.79
CA ASN A 136 -16.50 7.91 -16.22
C ASN A 136 -17.99 7.90 -16.55
N VAL A 137 -18.83 7.37 -15.67
CA VAL A 137 -20.27 7.31 -15.88
C VAL A 137 -20.90 8.52 -15.19
N GLU A 138 -21.37 9.49 -15.98
CA GLU A 138 -21.74 10.78 -15.44
C GLU A 138 -23.08 10.79 -14.71
N ASP A 139 -23.94 9.79 -14.92
CA ASP A 139 -25.23 9.73 -14.23
C ASP A 139 -25.25 8.65 -13.16
N SER A 140 -24.08 8.25 -12.67
CA SER A 140 -23.93 7.20 -11.68
C SER A 140 -24.33 7.71 -10.30
N PRO A 141 -24.57 6.79 -9.35
CA PRO A 141 -24.86 7.25 -7.97
C PRO A 141 -23.76 8.12 -7.39
N LEU A 142 -22.49 7.80 -7.69
CA LEU A 142 -21.38 8.59 -7.19
C LEU A 142 -21.44 10.02 -7.70
N ALA A 143 -21.69 10.20 -9.00
CA ALA A 143 -21.77 11.55 -9.56
C ALA A 143 -22.90 12.35 -8.91
N GLN A 144 -24.03 11.70 -8.64
CA GLN A 144 -25.16 12.43 -8.08
C GLN A 144 -24.89 12.91 -6.66
N LEU A 145 -24.06 12.17 -5.90
CA LEU A 145 -23.72 12.60 -4.55
C LEU A 145 -22.75 13.77 -4.55
N ALA A 146 -21.89 13.85 -5.56
CA ALA A 146 -20.73 14.73 -5.49
C ALA A 146 -21.14 16.20 -5.56
N ASP A 147 -20.34 17.03 -4.91
CA ASP A 147 -20.52 18.47 -5.03
C ASP A 147 -20.04 18.98 -6.39
N THR A 148 -18.96 18.38 -6.92
CA THR A 148 -18.50 18.66 -8.28
C THR A 148 -18.14 17.35 -8.95
N VAL A 149 -18.63 17.17 -10.17
CA VAL A 149 -18.33 16.00 -10.99
C VAL A 149 -17.29 16.39 -12.03
N ILE A 150 -16.21 15.62 -12.09
CA ILE A 150 -15.19 15.73 -13.13
C ILE A 150 -15.33 14.49 -14.02
N PRO A 151 -16.02 14.58 -15.14
CA PRO A 151 -16.15 13.39 -16.01
C PRO A 151 -14.82 13.01 -16.61
N LEU A 152 -14.56 11.71 -16.67
CA LEU A 152 -13.32 11.22 -17.29
C LEU A 152 -13.38 11.27 -18.81
N HIS A 153 -14.58 11.23 -19.40
CA HIS A 153 -14.77 11.32 -20.84
C HIS A 153 -14.02 10.21 -21.59
N ALA A 154 -13.88 9.05 -20.95
CA ALA A 154 -13.14 7.96 -21.56
C ALA A 154 -13.99 7.10 -22.49
N GLY A 155 -15.33 7.26 -22.47
CA GLY A 155 -16.18 6.41 -23.27
C GLY A 155 -16.22 4.99 -22.73
N ALA A 156 -16.83 4.11 -23.54
CA ALA A 156 -17.07 2.74 -23.10
C ALA A 156 -15.77 1.95 -23.07
N GLU A 157 -15.55 1.25 -21.97
CA GLU A 157 -14.37 0.43 -21.78
C GLU A 157 -14.87 -1.01 -21.67
N LYS A 158 -14.67 -1.79 -22.73
CA LYS A 158 -15.22 -3.14 -22.79
C LYS A 158 -14.24 -4.22 -22.40
N SER A 159 -12.94 -3.95 -22.47
CA SER A 159 -11.97 -4.89 -21.93
C SER A 159 -12.11 -4.95 -20.43
N VAL A 160 -11.98 -6.16 -19.87
CA VAL A 160 -11.89 -6.29 -18.41
C VAL A 160 -10.67 -5.52 -17.90
N ALA A 161 -9.62 -5.42 -18.71
CA ALA A 161 -8.40 -4.69 -18.34
C ALA A 161 -8.62 -3.20 -18.58
N ALA A 162 -8.78 -2.43 -17.49
CA ALA A 162 -8.93 -1.00 -17.62
C ALA A 162 -7.64 -0.37 -18.16
N THR A 163 -7.78 0.58 -19.08
CA THR A 163 -6.61 1.25 -19.63
C THR A 163 -6.89 2.74 -19.73
N LYS A 164 -7.70 3.13 -20.73
CA LYS A 164 -7.98 4.55 -20.93
C LYS A 164 -8.63 5.21 -19.73
N SER A 165 -9.46 4.47 -18.98
CA SER A 165 -10.09 5.09 -17.80
C SER A 165 -9.04 5.41 -16.73
N TYR A 166 -8.03 4.54 -16.57
CA TYR A 166 -6.96 4.83 -15.61
C TYR A 166 -6.14 6.04 -16.06
N LEU A 167 -5.70 6.05 -17.32
CA LEU A 167 -4.95 7.20 -17.81
C LEU A 167 -5.78 8.48 -17.73
N ALA A 168 -7.08 8.38 -18.00
CA ALA A 168 -7.94 9.56 -17.92
C ALA A 168 -8.02 10.07 -16.49
N SER A 169 -7.94 9.16 -15.51
CA SER A 169 -8.00 9.58 -14.11
C SER A 169 -6.74 10.33 -13.71
N LEU A 170 -5.56 9.82 -14.11
CA LEU A 170 -4.32 10.55 -13.89
C LEU A 170 -4.39 11.93 -14.54
N ALA A 171 -4.86 11.98 -15.78
CA ALA A 171 -4.95 13.25 -16.50
C ALA A 171 -5.88 14.24 -15.79
N ALA A 172 -7.02 13.77 -15.28
CA ALA A 172 -7.94 14.69 -14.62
C ALA A 172 -7.30 15.27 -13.36
N LEU A 173 -6.58 14.45 -12.60
CA LEU A 173 -5.87 14.96 -11.43
C LEU A 173 -4.85 16.02 -11.83
N LEU A 174 -4.13 15.77 -12.93
CA LEU A 174 -3.13 16.72 -13.40
C LEU A 174 -3.76 18.06 -13.80
N GLN A 175 -4.89 18.02 -14.53
CA GLN A 175 -5.53 19.28 -14.90
C GLN A 175 -6.01 20.02 -13.66
N LEU A 176 -6.56 19.31 -12.69
CA LEU A 176 -6.98 19.95 -11.45
C LEU A 176 -5.79 20.62 -10.78
N ALA A 177 -4.66 19.91 -10.65
CA ALA A 177 -3.50 20.49 -9.99
C ALA A 177 -2.99 21.72 -10.75
N ALA A 178 -2.90 21.63 -12.08
CA ALA A 178 -2.41 22.75 -12.87
C ALA A 178 -3.29 23.99 -12.69
N TYR A 179 -4.60 23.81 -12.75
CA TYR A 179 -5.51 24.95 -12.65
C TYR A 179 -5.55 25.52 -11.24
N TRP A 180 -5.47 24.63 -10.24
CA TRP A 180 -5.55 25.04 -8.84
C TRP A 180 -4.29 25.81 -8.44
N LYS A 181 -3.12 25.26 -8.77
CA LYS A 181 -1.85 25.89 -8.45
C LYS A 181 -1.59 27.15 -9.28
N GLN A 182 -2.28 27.31 -10.41
CA GLN A 182 -2.00 28.39 -11.36
C GLN A 182 -0.55 28.31 -11.84
N ASP A 183 -0.14 27.11 -12.21
CA ASP A 183 1.22 26.83 -12.68
C ASP A 183 1.22 26.96 -14.19
N SER A 184 1.76 28.07 -14.71
CA SER A 184 1.67 28.29 -16.14
C SER A 184 2.50 27.27 -16.92
N SER A 185 3.65 26.86 -16.38
CA SER A 185 4.46 25.88 -17.10
C SER A 185 3.76 24.53 -17.16
N LEU A 186 3.07 24.13 -16.08
CA LEU A 186 2.32 22.88 -16.11
C LEU A 186 1.10 22.99 -17.03
N ARG A 187 0.39 24.14 -16.99
CA ARG A 187 -0.70 24.37 -17.93
C ARG A 187 -0.23 24.20 -19.38
N ALA A 188 0.89 24.82 -19.72
CA ALA A 188 1.41 24.71 -21.09
C ALA A 188 1.77 23.27 -21.42
N ALA A 189 2.32 22.54 -20.45
CA ALA A 189 2.70 21.15 -20.70
C ALA A 189 1.50 20.29 -20.99
N LEU A 190 0.35 20.59 -20.36
CA LEU A 190 -0.84 19.79 -20.62
C LEU A 190 -1.27 19.87 -22.08
N ASP A 191 -0.99 20.99 -22.75
CA ASP A 191 -1.31 21.11 -24.18
C ASP A 191 -0.55 20.08 -25.00
N LEU A 192 0.62 19.66 -24.53
CA LEU A 192 1.49 18.71 -25.20
C LEU A 192 1.27 17.28 -24.76
N LEU A 193 0.46 17.06 -23.73
CA LEU A 193 0.36 15.73 -23.13
C LEU A 193 -0.31 14.72 -24.07
N PRO A 194 -1.41 15.05 -24.76
CA PRO A 194 -1.97 14.05 -25.68
C PRO A 194 -0.96 13.57 -26.72
N ASP A 195 -0.19 14.48 -27.33
CA ASP A 195 0.79 14.03 -28.31
C ASP A 195 1.89 13.21 -27.66
N ALA A 196 2.26 13.51 -26.42
CA ALA A 196 3.26 12.70 -25.75
C ALA A 196 2.73 11.30 -25.48
N LEU A 197 1.43 11.18 -25.19
CA LEU A 197 0.82 9.86 -25.02
C LEU A 197 0.84 9.09 -26.34
N ARG A 198 0.61 9.78 -27.45
CA ARG A 198 0.71 9.10 -28.75
C ARG A 198 2.11 8.58 -28.98
N GLU A 199 3.13 9.35 -28.59
CA GLU A 199 4.51 8.86 -28.72
C GLU A 199 4.75 7.68 -27.81
N ALA A 200 4.23 7.74 -26.58
CA ALA A 200 4.41 6.65 -25.63
C ALA A 200 3.81 5.35 -26.16
N TRP A 201 2.65 5.44 -26.82
CA TRP A 201 2.00 4.26 -27.35
C TRP A 201 2.85 3.59 -28.43
N GLN A 202 3.76 4.34 -29.07
CA GLN A 202 4.65 3.78 -30.09
C GLN A 202 5.99 3.30 -29.54
N CYS A 203 6.26 3.45 -28.25
CA CYS A 203 7.54 2.99 -27.71
C CYS A 203 7.62 1.46 -27.78
N ASP A 204 8.80 0.98 -28.17
CA ASP A 204 9.01 -0.45 -28.42
C ASP A 204 9.54 -1.11 -27.16
N TRP A 205 8.65 -1.80 -26.44
CA TRP A 205 8.99 -2.57 -25.26
C TRP A 205 9.03 -4.07 -25.55
N SER A 206 9.16 -4.45 -26.82
CA SER A 206 9.02 -5.86 -27.18
C SER A 206 10.07 -6.71 -26.49
N ALA A 207 11.21 -6.13 -26.10
CA ALA A 207 12.25 -6.92 -25.45
C ALA A 207 11.77 -7.44 -24.10
N VAL A 208 11.05 -6.63 -23.31
CA VAL A 208 10.62 -7.09 -22.00
C VAL A 208 9.41 -8.02 -22.12
N THR A 209 8.57 -7.79 -23.13
CA THR A 209 7.52 -8.76 -23.44
C THR A 209 8.11 -10.14 -23.69
N GLU A 210 9.06 -10.22 -24.63
CA GLU A 210 9.67 -11.51 -24.95
C GLU A 210 10.44 -12.07 -23.76
N GLY A 211 11.03 -11.20 -22.94
CA GLY A 211 11.83 -11.66 -21.82
C GLY A 211 11.03 -12.25 -20.68
N LEU A 212 9.73 -11.94 -20.60
CA LEU A 212 8.90 -12.38 -19.48
C LEU A 212 7.97 -13.54 -19.84
N VAL A 213 8.06 -14.09 -21.05
CA VAL A 213 7.06 -15.07 -21.47
C VAL A 213 7.01 -16.24 -20.49
N GLU A 214 8.15 -16.67 -19.97
CA GLU A 214 8.23 -17.84 -19.09
C GLU A 214 8.33 -17.48 -17.62
N ALA A 215 8.21 -16.21 -17.27
CA ALA A 215 8.40 -15.78 -15.89
C ALA A 215 7.24 -16.26 -15.01
N THR A 216 7.55 -16.48 -13.73
CA THR A 216 6.52 -16.85 -12.76
C THR A 216 6.35 -15.81 -11.67
N ASN A 217 7.39 -15.05 -11.36
CA ASN A 217 7.38 -14.08 -10.26
C ASN A 217 8.15 -12.86 -10.71
N LEU A 218 7.72 -11.69 -10.24
CA LEU A 218 8.35 -10.44 -10.67
C LEU A 218 8.05 -9.35 -9.65
N PHE A 219 8.99 -8.41 -9.49
CA PHE A 219 8.71 -7.19 -8.73
C PHE A 219 8.64 -6.01 -9.68
N VAL A 220 7.66 -5.13 -9.47
CA VAL A 220 7.58 -3.85 -10.18
C VAL A 220 7.89 -2.76 -9.16
N LEU A 221 8.82 -1.88 -9.48
CA LEU A 221 9.26 -0.86 -8.54
C LEU A 221 8.86 0.52 -9.04
N GLY A 222 8.38 1.35 -8.12
CA GLY A 222 8.15 2.75 -8.40
C GLY A 222 8.38 3.57 -7.15
N ARG A 223 8.44 4.88 -7.33
CA ARG A 223 8.77 5.77 -6.23
C ARG A 223 7.94 7.04 -6.35
N GLY A 224 7.29 7.43 -5.25
CA GLY A 224 6.52 8.65 -5.23
C GLY A 224 5.50 8.73 -6.35
N LEU A 225 5.67 9.71 -7.24
CA LEU A 225 4.78 9.86 -8.39
C LEU A 225 4.69 8.59 -9.25
N GLY A 226 5.70 7.73 -9.19
CA GLY A 226 5.67 6.50 -9.95
C GLY A 226 5.13 5.29 -9.24
N LEU A 227 4.84 5.39 -7.93
CA LEU A 227 4.43 4.21 -7.19
C LEU A 227 3.11 3.65 -7.69
N GLY A 228 2.12 4.54 -7.92
CA GLY A 228 0.84 4.07 -8.43
C GLY A 228 0.97 3.40 -9.79
N ALA A 229 1.89 3.88 -10.62
CA ALA A 229 2.15 3.24 -11.91
C ALA A 229 2.68 1.82 -11.74
N ALA A 230 3.59 1.63 -10.78
CA ALA A 230 4.10 0.29 -10.51
C ALA A 230 2.98 -0.62 -10.01
N GLN A 231 2.11 -0.08 -9.15
CA GLN A 231 0.99 -0.87 -8.64
C GLN A 231 0.03 -1.27 -9.75
N GLU A 232 -0.22 -0.35 -10.68
CA GLU A 232 -1.08 -0.65 -11.83
C GLU A 232 -0.44 -1.71 -12.72
N ALA A 233 0.87 -1.60 -12.97
CA ALA A 233 1.54 -2.62 -13.78
C ALA A 233 1.45 -3.99 -13.11
N ALA A 234 1.69 -4.05 -11.80
CA ALA A 234 1.64 -5.34 -11.12
C ALA A 234 0.25 -5.97 -11.21
N LEU A 235 -0.79 -5.16 -11.02
CA LEU A 235 -2.16 -5.68 -11.14
C LEU A 235 -2.41 -6.25 -12.53
N LYS A 236 -1.98 -5.53 -13.56
CA LYS A 236 -2.15 -6.02 -14.92
C LYS A 236 -1.38 -7.32 -15.16
N PHE A 237 -0.16 -7.44 -14.63
CA PHE A 237 0.57 -8.69 -14.75
C PHE A 237 -0.22 -9.85 -14.13
N LYS A 238 -0.76 -9.62 -12.94
CA LYS A 238 -1.53 -10.68 -12.27
C LYS A 238 -2.73 -11.07 -13.13
N GLU A 239 -3.54 -10.09 -13.54
CA GLU A 239 -4.85 -10.41 -14.10
C GLU A 239 -4.77 -10.84 -15.56
N THR A 240 -3.99 -10.13 -16.38
CA THR A 240 -3.94 -10.46 -17.81
C THR A 240 -2.96 -11.58 -18.12
N CYS A 241 -1.93 -11.78 -17.27
CA CYS A 241 -0.87 -12.73 -17.59
C CYS A 241 -0.75 -13.89 -16.61
N SER A 242 -1.56 -13.91 -15.54
CA SER A 242 -1.44 -14.93 -14.50
C SER A 242 0.00 -15.03 -13.98
N LEU A 243 0.63 -13.87 -13.78
CA LEU A 243 2.02 -13.79 -13.34
C LEU A 243 2.03 -13.20 -11.94
N HIS A 244 2.78 -13.83 -11.02
CA HIS A 244 2.81 -13.28 -9.65
C HIS A 244 3.78 -12.09 -9.61
N ALA A 245 3.27 -10.95 -10.05
CA ALA A 245 3.97 -9.67 -9.97
C ALA A 245 3.49 -8.93 -8.73
N GLU A 246 4.43 -8.33 -8.00
CA GLU A 246 4.09 -7.53 -6.82
C GLU A 246 4.81 -6.19 -6.92
N ALA A 247 4.07 -5.12 -6.66
CA ALA A 247 4.62 -3.77 -6.68
C ALA A 247 5.19 -3.40 -5.32
N TYR A 248 6.34 -2.73 -5.34
CA TYR A 248 6.97 -2.19 -4.13
C TYR A 248 7.46 -0.78 -4.40
N SER A 249 7.39 0.05 -3.36
CA SER A 249 8.12 1.30 -3.41
C SER A 249 9.61 1.02 -3.47
N SER A 250 10.32 1.75 -4.34
CA SER A 250 11.76 1.59 -4.43
CA SER A 250 11.76 1.58 -4.42
C SER A 250 12.46 1.90 -3.12
N ALA A 251 11.81 2.65 -2.22
CA ALA A 251 12.37 2.94 -0.91
C ALA A 251 12.26 1.76 0.05
N GLU A 252 11.58 0.68 -0.33
CA GLU A 252 11.29 -0.43 0.56
C GLU A 252 11.97 -1.72 0.12
N VAL A 253 12.92 -1.66 -0.80
CA VAL A 253 13.44 -2.89 -1.39
C VAL A 253 14.20 -3.73 -0.37
N LYS A 254 14.74 -3.12 0.69
CA LYS A 254 15.41 -3.87 1.75
C LYS A 254 14.42 -4.50 2.72
N HIS A 255 13.12 -4.32 2.49
CA HIS A 255 12.09 -4.91 3.35
C HIS A 255 11.15 -5.73 2.49
N GLY A 256 11.70 -6.79 1.87
CA GLY A 256 10.89 -7.71 1.12
C GLY A 256 11.51 -8.15 -0.19
N PRO A 257 11.52 -7.27 -1.19
CA PRO A 257 11.90 -7.74 -2.53
C PRO A 257 13.32 -8.27 -2.62
N MET A 258 14.30 -7.59 -2.00
CA MET A 258 15.67 -8.08 -2.11
C MET A 258 15.81 -9.47 -1.48
N ALA A 259 14.96 -9.80 -0.51
CA ALA A 259 15.05 -11.11 0.13
C ALA A 259 14.79 -12.26 -0.83
N LEU A 260 13.95 -12.06 -1.85
CA LEU A 260 13.58 -13.11 -2.78
C LEU A 260 14.42 -13.14 -4.05
N VAL A 261 15.19 -12.09 -4.31
CA VAL A 261 15.85 -11.97 -5.60
C VAL A 261 16.98 -12.97 -5.69
N ASP A 262 16.93 -13.84 -6.69
CA ASP A 262 18.03 -14.71 -7.04
C ASP A 262 18.42 -14.43 -8.49
N ARG A 263 19.42 -15.16 -8.99
CA ARG A 263 19.87 -14.93 -10.36
C ARG A 263 18.72 -15.21 -11.33
N GLY A 264 18.46 -14.24 -12.20
CA GLY A 264 17.38 -14.34 -13.16
C GLY A 264 16.04 -13.84 -12.67
N PHE A 265 15.89 -13.51 -11.39
CA PHE A 265 14.60 -13.02 -10.90
C PHE A 265 14.26 -11.70 -11.58
N PRO A 266 13.09 -11.56 -12.21
CA PRO A 266 12.80 -10.35 -12.97
C PRO A 266 12.34 -9.19 -12.10
N VAL A 267 12.89 -8.00 -12.41
CA VAL A 267 12.52 -6.76 -11.74
C VAL A 267 12.29 -5.71 -12.81
N LEU A 268 11.16 -5.02 -12.74
CA LEU A 268 10.82 -3.95 -13.68
C LEU A 268 10.73 -2.66 -12.87
N ALA A 269 11.65 -1.73 -13.09
CA ALA A 269 11.70 -0.49 -12.32
C ALA A 269 11.25 0.68 -13.17
N PHE A 270 10.33 1.49 -12.61
CA PHE A 270 9.86 2.72 -13.23
C PHE A 270 10.53 3.89 -12.55
N ALA A 271 11.25 4.71 -13.31
CA ALA A 271 11.98 5.85 -12.77
C ALA A 271 11.42 7.15 -13.33
N GLN A 272 11.42 8.19 -12.50
CA GLN A 272 11.14 9.56 -12.92
C GLN A 272 12.34 10.15 -13.66
N PRO A 273 12.12 11.18 -14.48
CA PRO A 273 13.24 11.75 -15.25
C PRO A 273 14.13 12.67 -14.46
N ASP A 274 13.73 13.08 -13.26
CA ASP A 274 14.41 14.14 -12.52
C ASP A 274 14.74 13.70 -11.10
N GLU A 275 15.11 12.43 -10.92
CA GLU A 275 15.42 11.93 -9.58
C GLU A 275 16.66 12.60 -9.01
N THR A 276 16.62 12.89 -7.73
CA THR A 276 17.78 13.42 -7.02
C THR A 276 18.13 12.51 -5.85
N GLY A 277 19.42 12.46 -5.53
CA GLY A 277 19.89 11.61 -4.46
C GLY A 277 19.81 10.14 -4.84
N ALA A 278 19.86 9.29 -3.80
CA ALA A 278 19.72 7.86 -3.99
C ALA A 278 18.31 7.54 -4.45
N GLY A 279 18.18 7.10 -5.69
CA GLY A 279 16.87 6.81 -6.23
C GLY A 279 16.79 5.44 -6.86
N THR A 280 16.26 5.38 -8.08
CA THR A 280 16.02 4.09 -8.72
C THR A 280 17.33 3.40 -9.09
N ARG A 281 18.28 4.14 -9.67
CA ARG A 281 19.55 3.51 -10.06
C ARG A 281 20.28 2.96 -8.86
N ALA A 282 20.22 3.65 -7.71
CA ALA A 282 20.87 3.13 -6.52
C ALA A 282 20.29 1.77 -6.12
N VAL A 283 18.97 1.62 -6.26
CA VAL A 283 18.30 0.38 -5.89
C VAL A 283 18.54 -0.71 -6.92
N VAL A 284 18.45 -0.38 -8.21
CA VAL A 284 18.72 -1.31 -9.29
CA VAL A 284 18.68 -1.40 -9.22
C VAL A 284 20.14 -1.86 -9.21
N GLU A 285 21.05 -1.11 -8.58
CA GLU A 285 22.44 -1.57 -8.51
C GLU A 285 22.55 -2.89 -7.73
N GLU A 286 21.96 -2.95 -6.53
CA GLU A 286 22.02 -4.20 -5.76
C GLU A 286 21.31 -5.34 -6.49
N PHE A 287 20.17 -5.04 -7.14
CA PHE A 287 19.48 -6.06 -7.91
C PHE A 287 20.41 -6.68 -8.95
N THR A 288 21.19 -5.85 -9.65
CA THR A 288 22.10 -6.41 -10.64
CA THR A 288 22.12 -6.37 -10.64
C THR A 288 23.27 -7.14 -9.98
N ALA A 289 23.74 -6.67 -8.82
CA ALA A 289 24.78 -7.40 -8.11
C ALA A 289 24.33 -8.78 -7.69
N ARG A 290 23.02 -8.99 -7.51
CA ARG A 290 22.46 -10.29 -7.20
C ARG A 290 22.02 -11.06 -8.42
N GLY A 291 22.34 -10.56 -9.62
CA GLY A 291 22.05 -11.28 -10.84
C GLY A 291 20.60 -11.25 -11.28
N ALA A 292 19.77 -10.39 -10.70
CA ALA A 292 18.39 -10.28 -11.16
C ALA A 292 18.36 -9.84 -12.63
N GLN A 293 17.24 -10.13 -13.29
CA GLN A 293 17.00 -9.57 -14.62
C GLN A 293 16.28 -8.25 -14.42
N VAL A 294 17.00 -7.15 -14.55
CA VAL A 294 16.51 -5.83 -14.14
C VAL A 294 16.31 -4.96 -15.36
N TRP A 295 15.06 -4.56 -15.58
CA TRP A 295 14.66 -3.61 -16.62
C TRP A 295 14.34 -2.26 -16.00
N MET A 296 14.61 -1.18 -16.72
CA MET A 296 14.24 0.14 -16.19
C MET A 296 13.63 0.99 -17.29
N ALA A 297 12.45 1.56 -17.00
CA ALA A 297 11.81 2.54 -17.86
C ALA A 297 11.94 3.92 -17.25
N GLY A 298 12.55 4.84 -17.98
CA GLY A 298 12.84 6.17 -17.50
C GLY A 298 14.28 6.33 -17.05
N ALA A 299 14.71 7.59 -16.95
CA ALA A 299 16.04 7.93 -16.42
C ALA A 299 17.15 7.25 -17.22
N GLY A 300 16.96 7.15 -18.54
CA GLY A 300 17.98 6.52 -19.36
C GLY A 300 18.03 5.02 -19.31
N GLY A 301 16.98 4.37 -18.79
CA GLY A 301 16.94 2.92 -18.75
C GLY A 301 16.72 2.33 -20.14
N ASN A 302 16.70 1.00 -20.18
CA ASN A 302 16.70 0.28 -21.45
C ASN A 302 15.30 0.07 -22.03
N LEU A 303 14.24 0.51 -21.36
CA LEU A 303 12.93 0.53 -21.98
C LEU A 303 12.60 1.96 -22.37
N PRO A 304 12.39 2.23 -23.66
CA PRO A 304 12.27 3.62 -24.11
C PRO A 304 10.97 4.24 -23.64
N VAL A 305 11.04 5.52 -23.25
CA VAL A 305 9.84 6.26 -22.89
C VAL A 305 9.78 7.54 -23.73
N ALA A 306 8.57 8.05 -23.88
CA ALA A 306 8.36 9.29 -24.61
C ALA A 306 8.89 10.46 -23.79
N ALA A 307 9.37 11.48 -24.49
CA ALA A 307 9.81 12.69 -23.80
C ALA A 307 8.63 13.35 -23.10
N ALA A 308 8.79 13.58 -21.80
CA ALA A 308 7.71 14.17 -21.00
C ALA A 308 7.69 15.68 -21.17
N PRO A 309 6.54 16.29 -21.43
CA PRO A 309 6.48 17.77 -21.49
C PRO A 309 6.70 18.42 -20.13
N HIS A 310 6.53 17.66 -19.04
CA HIS A 310 6.72 18.10 -17.67
C HIS A 310 6.97 16.83 -16.87
N PRO A 311 7.86 16.86 -15.88
CA PRO A 311 8.10 15.62 -15.10
C PRO A 311 6.84 15.02 -14.49
N LEU A 312 5.84 15.84 -14.13
CA LEU A 312 4.62 15.29 -13.55
C LEU A 312 3.87 14.41 -14.53
N CYS A 313 4.13 14.56 -15.83
CA CYS A 313 3.48 13.74 -16.84
C CYS A 313 4.14 12.37 -16.99
N ALA A 314 5.36 12.21 -16.52
CA ALA A 314 6.12 11.00 -16.85
C ALA A 314 5.43 9.70 -16.46
N PRO A 315 4.77 9.57 -15.30
CA PRO A 315 4.15 8.28 -14.99
C PRO A 315 3.03 7.92 -15.95
N LEU A 316 2.29 8.89 -16.48
CA LEU A 316 1.26 8.58 -17.48
C LEU A 316 1.90 7.98 -18.73
N LEU A 317 3.05 8.52 -19.12
CA LEU A 317 3.70 8.06 -20.35
C LEU A 317 4.26 6.65 -20.16
N THR A 318 4.78 6.36 -18.97
CA THR A 318 5.28 5.01 -18.70
C THR A 318 4.16 3.98 -18.78
N VAL A 319 3.01 4.27 -18.16
CA VAL A 319 1.92 3.29 -18.19
CA VAL A 319 1.97 3.25 -18.20
C VAL A 319 1.37 3.12 -19.59
N GLN A 320 1.25 4.22 -20.35
CA GLN A 320 0.78 4.12 -21.72
C GLN A 320 1.63 3.13 -22.52
N SER A 321 2.95 3.22 -22.37
CA SER A 321 3.84 2.25 -23.02
C SER A 321 3.67 0.86 -22.45
N PHE A 322 3.57 0.76 -21.13
CA PHE A 322 3.48 -0.55 -20.50
C PHE A 322 2.25 -1.31 -20.97
N TYR A 323 1.13 -0.60 -21.18
CA TYR A 323 -0.09 -1.28 -21.59
C TYR A 323 0.10 -2.06 -22.89
N ARG A 324 0.88 -1.51 -23.83
CA ARG A 324 1.14 -2.24 -25.07
C ARG A 324 1.98 -3.47 -24.80
N ALA A 325 2.98 -3.33 -23.94
CA ALA A 325 3.87 -4.45 -23.65
C ALA A 325 3.11 -5.57 -22.95
N ILE A 326 2.18 -5.23 -22.05
CA ILE A 326 1.52 -6.26 -21.25
C ILE A 326 0.40 -6.93 -22.05
N ASN A 327 -0.27 -6.18 -22.93
CA ASN A 327 -1.21 -6.79 -23.86
C ASN A 327 -0.50 -7.85 -24.70
N ALA A 328 0.67 -7.51 -25.24
CA ALA A 328 1.41 -8.48 -26.04
C ALA A 328 1.86 -9.67 -25.21
N LEU A 329 2.31 -9.43 -23.98
CA LEU A 329 2.78 -10.51 -23.12
C LEU A 329 1.64 -11.47 -22.79
N ALA A 330 0.45 -10.94 -22.54
CA ALA A 330 -0.69 -11.81 -22.23
C ALA A 330 -0.93 -12.79 -23.37
N LEU A 331 -0.95 -12.28 -24.61
CA LEU A 331 -1.16 -13.14 -25.77
C LEU A 331 -0.04 -14.18 -25.91
N ARG A 332 1.21 -13.76 -25.72
CA ARG A 332 2.31 -14.72 -25.81
C ARG A 332 2.18 -15.82 -24.78
N ARG A 333 1.57 -15.53 -23.63
CA ARG A 333 1.38 -16.51 -22.58
C ARG A 333 0.09 -17.31 -22.73
N GLY A 334 -0.69 -17.03 -23.79
CA GLY A 334 -1.90 -17.79 -24.06
C GLY A 334 -3.17 -17.25 -23.42
N PHE A 335 -3.17 -16.01 -22.97
CA PHE A 335 -4.31 -15.41 -22.29
C PHE A 335 -4.91 -14.28 -23.12
N ASN A 336 -6.23 -14.12 -22.98
CA ASN A 336 -6.92 -12.97 -23.55
C ASN A 336 -7.05 -11.91 -22.48
N PRO A 337 -6.38 -10.77 -22.58
CA PRO A 337 -6.46 -9.77 -21.50
C PRO A 337 -7.85 -9.18 -21.36
N ASP A 338 -8.74 -9.41 -22.33
CA ASP A 338 -10.08 -8.83 -22.29
C ASP A 338 -11.04 -9.57 -21.39
N LEU A 339 -10.68 -10.78 -20.92
CA LEU A 339 -11.60 -11.63 -20.18
C LEU A 339 -11.24 -11.66 -18.70
N PRO A 340 -12.16 -12.09 -17.83
CA PRO A 340 -11.95 -11.90 -16.39
C PRO A 340 -10.76 -12.71 -15.89
N PRO A 341 -10.12 -12.27 -14.81
CA PRO A 341 -8.98 -13.01 -14.26
C PRO A 341 -9.38 -14.43 -13.91
N HIS A 342 -8.45 -15.35 -14.15
CA HIS A 342 -8.58 -16.78 -13.91
C HIS A 342 -9.56 -17.45 -14.87
N LEU A 343 -10.20 -16.69 -15.76
CA LEU A 343 -11.11 -17.24 -16.75
C LEU A 343 -10.71 -16.83 -18.17
N ASN A 344 -9.45 -16.46 -18.38
CA ASN A 344 -9.06 -15.81 -19.64
C ASN A 344 -8.00 -16.58 -20.41
N LYS A 345 -7.79 -17.86 -20.13
CA LYS A 345 -6.91 -18.66 -20.98
C LYS A 345 -7.60 -18.98 -22.30
N VAL A 346 -6.90 -18.73 -23.40
CA VAL A 346 -7.46 -18.97 -24.73
C VAL A 346 -7.24 -20.42 -25.15
N LEU B 11 17.63 -26.52 11.66
CA LEU B 11 17.89 -27.27 12.88
C LEU B 11 16.64 -28.02 13.33
N SER B 12 16.84 -29.03 14.16
CA SER B 12 15.75 -29.87 14.63
C SER B 12 15.11 -29.36 15.92
N ASP B 13 15.57 -28.22 16.46
CA ASP B 13 14.97 -27.63 17.65
C ASP B 13 14.48 -26.23 17.32
N PRO B 14 13.18 -26.05 17.06
CA PRO B 14 12.67 -24.70 16.74
C PRO B 14 12.86 -23.70 17.85
N THR B 15 12.90 -24.15 19.11
CA THR B 15 13.04 -23.22 20.21
C THR B 15 14.42 -22.60 20.28
N SER B 16 15.39 -23.13 19.53
CA SER B 16 16.78 -22.72 19.69
C SER B 16 17.14 -21.46 18.91
N THR B 17 16.24 -20.93 18.10
CA THR B 17 16.56 -19.71 17.37
C THR B 17 16.41 -18.48 18.25
N LEU B 18 17.15 -17.43 17.90
CA LEU B 18 16.93 -16.13 18.54
C LEU B 18 15.55 -15.60 18.22
N MET B 19 15.06 -15.83 16.99
CA MET B 19 13.73 -15.37 16.65
C MET B 19 12.69 -15.95 17.60
N PHE B 20 12.84 -17.23 17.97
CA PHE B 20 11.92 -17.85 18.92
C PHE B 20 12.02 -17.19 20.28
N ALA B 21 13.26 -17.04 20.78
CA ALA B 21 13.46 -16.50 22.12
C ALA B 21 12.96 -15.06 22.21
N GLU B 22 13.18 -14.27 21.17
CA GLU B 22 12.79 -12.87 21.20
C GLU B 22 11.29 -12.70 21.01
N ALA B 23 10.68 -13.53 20.15
CA ALA B 23 9.23 -13.48 20.03
C ALA B 23 8.56 -13.87 21.35
N ALA B 24 9.13 -14.83 22.07
CA ALA B 24 8.59 -15.29 23.35
C ALA B 24 8.62 -14.19 24.40
N GLU B 25 9.52 -13.22 24.25
CA GLU B 25 9.66 -12.09 25.16
C GLU B 25 8.54 -11.06 25.05
N ALA B 26 7.71 -11.11 24.01
CA ALA B 26 6.87 -9.97 23.71
C ALA B 26 5.90 -9.63 24.83
N ALA B 27 5.34 -10.65 25.50
CA ALA B 27 4.41 -10.36 26.59
C ALA B 27 5.09 -9.55 27.70
N ASP B 28 6.29 -9.96 28.11
CA ASP B 28 7.03 -9.23 29.14
C ASP B 28 7.38 -7.83 28.67
N VAL B 29 7.72 -7.70 27.38
CA VAL B 29 8.02 -6.39 26.80
C VAL B 29 6.81 -5.46 26.92
N VAL B 30 5.64 -5.96 26.55
CA VAL B 30 4.44 -5.11 26.56
C VAL B 30 4.12 -4.70 27.99
N ALA B 31 4.22 -5.64 28.93
CA ALA B 31 3.94 -5.32 30.32
C ALA B 31 4.84 -4.21 30.84
N ARG B 32 6.15 -4.34 30.61
CA ARG B 32 7.06 -3.34 31.16
C ARG B 32 6.97 -2.03 30.39
N GLN B 33 6.67 -2.08 29.08
CA GLN B 33 6.47 -0.85 28.32
C GLN B 33 5.34 -0.03 28.92
N PHE B 34 4.22 -0.68 29.20
CA PHE B 34 3.05 0.06 29.70
C PHE B 34 3.32 0.62 31.09
N SER B 35 4.02 -0.16 31.93
CA SER B 35 4.37 0.33 33.27
C SER B 35 5.28 1.55 33.19
N ARG B 36 6.31 1.47 32.33
CA ARG B 36 7.31 2.52 32.28
C ARG B 36 6.77 3.79 31.64
N ASN B 37 5.87 3.67 30.67
CA ASN B 37 5.44 4.79 29.85
C ASN B 37 4.14 5.42 30.32
N HIS B 38 3.53 4.90 31.39
CA HIS B 38 2.18 5.30 31.80
C HIS B 38 2.02 6.82 31.90
N ALA B 39 2.79 7.46 32.78
CA ALA B 39 2.54 8.89 32.98
C ALA B 39 2.98 9.72 31.78
N THR B 40 4.04 9.31 31.10
CA THR B 40 4.44 10.01 29.88
C THR B 40 3.32 9.96 28.84
N MET B 41 2.69 8.79 28.70
CA MET B 41 1.59 8.68 27.75
C MET B 41 0.39 9.50 28.21
N GLU B 42 0.10 9.52 29.51
CA GLU B 42 -1.01 10.33 30.00
C GLU B 42 -0.75 11.81 29.73
N THR B 43 0.49 12.26 29.93
CA THR B 43 0.80 13.67 29.68
C THR B 43 0.62 14.01 28.21
N LEU B 44 1.10 13.14 27.33
CA LEU B 44 0.92 13.35 25.90
C LEU B 44 -0.57 13.35 25.55
N ALA B 45 -1.31 12.37 26.07
CA ALA B 45 -2.74 12.29 25.76
C ALA B 45 -3.49 13.55 26.21
N ALA B 46 -3.19 14.04 27.42
CA ALA B 46 -3.85 15.25 27.90
C ALA B 46 -3.53 16.44 27.01
N SER B 47 -2.29 16.52 26.53
CA SER B 47 -1.90 17.63 25.67
CA SER B 47 -1.90 17.64 25.68
C SER B 47 -2.63 17.58 24.33
N LEU B 48 -2.88 16.38 23.82
CA LEU B 48 -3.61 16.25 22.57
C LEU B 48 -5.08 16.61 22.76
N ARG B 49 -5.67 16.26 23.91
CA ARG B 49 -7.05 16.66 24.15
C ARG B 49 -7.16 18.18 24.30
N ALA B 50 -6.14 18.81 24.89
CA ALA B 50 -6.17 20.25 25.10
C ALA B 50 -5.98 21.03 23.80
N ALA B 51 -5.22 20.48 22.86
CA ALA B 51 -4.96 21.13 21.57
C ALA B 51 -5.11 20.09 20.47
N PRO B 52 -6.34 19.78 20.08
CA PRO B 52 -6.58 18.68 19.14
C PRO B 52 -5.90 18.92 17.80
N PRO B 53 -5.16 17.94 17.30
CA PRO B 53 -4.53 18.10 15.98
C PRO B 53 -5.58 17.99 14.89
N PRO B 54 -5.35 18.63 13.73
CA PRO B 54 -6.33 18.53 12.64
C PRO B 54 -6.33 17.17 11.95
N PHE B 55 -5.23 16.43 12.02
CA PHE B 55 -5.08 15.11 11.42
C PHE B 55 -3.75 14.57 11.92
N VAL B 56 -3.48 13.32 11.59
CA VAL B 56 -2.28 12.60 12.03
C VAL B 56 -1.51 12.16 10.80
N VAL B 57 -0.18 12.13 10.91
CA VAL B 57 0.69 11.60 9.86
C VAL B 57 1.62 10.60 10.50
N THR B 58 1.73 9.41 9.91
CA THR B 58 2.73 8.45 10.34
C THR B 58 3.93 8.47 9.40
N CYS B 59 5.12 8.24 9.97
CA CYS B 59 6.36 8.28 9.22
C CYS B 59 7.17 7.06 9.64
N ALA B 60 7.33 6.09 8.73
CA ALA B 60 7.89 4.79 9.10
C ALA B 60 8.25 4.02 7.84
N ARG B 61 9.18 3.07 8.00
CA ARG B 61 9.58 2.17 6.93
C ARG B 61 9.50 0.73 7.43
N GLY B 62 9.40 -0.21 6.46
CA GLY B 62 9.53 -1.63 6.79
C GLY B 62 8.48 -2.10 7.78
N SER B 63 8.93 -2.90 8.76
CA SER B 63 8.01 -3.40 9.78
C SER B 63 7.31 -2.27 10.51
N SER B 64 8.03 -1.16 10.75
CA SER B 64 7.41 -0.05 11.45
C SER B 64 6.28 0.57 10.63
N ASP B 65 6.37 0.54 9.30
CA ASP B 65 5.26 1.01 8.49
C ASP B 65 4.07 0.05 8.58
N HIS B 66 4.33 -1.24 8.71
CA HIS B 66 3.21 -2.15 8.94
C HIS B 66 2.58 -1.90 10.29
N ALA B 67 3.35 -1.44 11.27
CA ALA B 67 2.75 -0.97 12.52
C ALA B 67 1.94 0.30 12.27
N ALA B 68 2.45 1.20 11.42
CA ALA B 68 1.70 2.42 11.09
C ALA B 68 0.35 2.09 10.46
N THR B 69 0.26 1.00 9.69
CA THR B 69 -1.03 0.60 9.12
C THR B 69 -2.06 0.36 10.22
N TYR B 70 -1.64 -0.35 11.27
CA TYR B 70 -2.49 -0.58 12.42
C TYR B 70 -2.80 0.73 13.14
N GLY B 71 -1.80 1.60 13.26
CA GLY B 71 -2.03 2.90 13.88
C GLY B 71 -3.08 3.71 13.15
N LYS B 72 -3.08 3.64 11.82
CA LYS B 72 -4.12 4.32 11.04
C LYS B 72 -5.50 3.81 11.42
N TYR B 73 -5.69 2.50 11.42
CA TYR B 73 -6.99 1.96 11.78
C TYR B 73 -7.40 2.39 13.18
N LEU B 74 -6.47 2.28 14.14
CA LEU B 74 -6.78 2.63 15.52
C LEU B 74 -7.20 4.09 15.65
N LEU B 75 -6.40 5.01 15.12
CA LEU B 75 -6.70 6.42 15.38
C LEU B 75 -7.91 6.88 14.56
N GLU B 76 -8.09 6.38 13.35
CA GLU B 76 -9.28 6.75 12.59
C GLU B 76 -10.56 6.24 13.25
N THR B 77 -10.59 4.97 13.63
CA THR B 77 -11.82 4.44 14.21
C THR B 77 -12.04 4.93 15.65
N GLN B 78 -10.99 5.14 16.43
CA GLN B 78 -11.19 5.44 17.85
C GLN B 78 -11.19 6.92 18.14
N LEU B 79 -10.41 7.72 17.42
CA LEU B 79 -10.37 9.17 17.62
C LEU B 79 -11.06 9.94 16.51
N GLY B 80 -11.39 9.31 15.38
CA GLY B 80 -12.04 10.04 14.31
C GLY B 80 -11.14 10.99 13.55
N LEU B 81 -9.82 10.84 13.68
CA LEU B 81 -8.86 11.68 12.99
C LEU B 81 -8.31 10.94 11.77
N VAL B 82 -8.24 11.65 10.65
CA VAL B 82 -7.64 11.12 9.44
C VAL B 82 -6.15 10.89 9.67
N VAL B 83 -5.63 9.76 9.19
CA VAL B 83 -4.22 9.42 9.33
C VAL B 83 -3.62 9.26 7.94
N ALA B 84 -2.62 10.08 7.62
CA ALA B 84 -1.88 9.96 6.37
C ALA B 84 -0.49 9.39 6.63
N SER B 85 0.17 8.96 5.56
CA SER B 85 1.54 8.48 5.62
C SER B 85 2.49 9.51 5.03
N ALA B 86 3.62 9.70 5.70
CA ALA B 86 4.73 10.47 5.15
C ALA B 86 5.50 9.61 4.16
N SER B 87 6.37 10.26 3.39
CA SER B 87 7.15 9.59 2.35
C SER B 87 8.63 9.89 2.56
N PRO B 88 9.24 9.27 3.58
CA PRO B 88 10.61 9.67 3.95
C PRO B 88 11.64 9.48 2.85
N SER B 89 11.73 8.29 2.25
CA SER B 89 12.84 7.97 1.35
C SER B 89 12.43 8.02 -0.12
N VAL B 90 11.45 8.85 -0.47
CA VAL B 90 10.99 8.93 -1.85
C VAL B 90 11.63 10.08 -2.63
N GLY B 91 12.29 11.02 -1.95
CA GLY B 91 12.94 12.12 -2.66
C GLY B 91 11.99 13.03 -3.39
N SER B 92 10.89 13.41 -2.76
CA SER B 92 9.96 14.36 -3.37
C SER B 92 10.54 15.76 -3.34
N VAL B 93 10.30 16.52 -4.41
CA VAL B 93 10.63 17.94 -4.47
C VAL B 93 9.32 18.72 -4.36
N TYR B 94 9.22 19.54 -3.34
CA TYR B 94 7.96 20.20 -3.01
C TYR B 94 7.91 21.57 -3.66
N ALA B 95 7.02 21.73 -4.63
CA ALA B 95 6.68 23.05 -5.16
C ALA B 95 6.01 23.93 -4.12
N ALA B 96 5.60 23.33 -3.00
CA ALA B 96 4.98 24.03 -1.89
C ALA B 96 5.37 23.29 -0.61
N PRO B 97 5.68 24.03 0.45
CA PRO B 97 5.88 23.36 1.75
C PRO B 97 4.64 22.62 2.18
N LEU B 98 4.84 21.44 2.77
CA LEU B 98 3.73 20.61 3.19
C LEU B 98 3.06 21.22 4.42
N GLN B 99 1.73 21.35 4.36
CA GLN B 99 0.96 22.02 5.40
C GLN B 99 0.67 21.05 6.54
N LEU B 100 1.54 21.08 7.54
CA LEU B 100 1.50 20.15 8.66
C LEU B 100 1.24 20.84 9.99
N ARG B 101 0.91 22.14 9.99
CA ARG B 101 0.82 22.89 11.23
C ARG B 101 -0.19 22.27 12.19
N GLY B 102 0.26 22.00 13.41
CA GLY B 102 -0.59 21.41 14.42
C GLY B 102 -0.83 19.93 14.28
N ALA B 103 -0.45 19.32 13.16
CA ALA B 103 -0.68 17.88 12.99
C ALA B 103 0.17 17.08 13.97
N LEU B 104 -0.32 15.91 14.34
CA LEU B 104 0.47 14.95 15.10
C LEU B 104 1.25 14.09 14.11
N PHE B 105 2.57 14.13 14.21
CA PHE B 105 3.47 13.47 13.26
C PHE B 105 4.16 12.35 14.05
N ILE B 106 3.76 11.10 13.79
CA ILE B 106 4.22 9.95 14.57
C ILE B 106 5.31 9.24 13.79
N VAL B 107 6.55 9.31 14.27
CA VAL B 107 7.64 8.55 13.67
C VAL B 107 7.77 7.23 14.41
N ILE B 108 7.72 6.11 13.68
CA ILE B 108 7.90 4.78 14.26
C ILE B 108 9.20 4.22 13.70
N SER B 109 10.14 3.87 14.58
CA SER B 109 11.45 3.44 14.12
C SER B 109 12.11 2.63 15.22
N GLN B 110 12.64 1.45 14.87
CA GLN B 110 13.37 0.67 15.85
C GLN B 110 14.64 1.39 16.29
N SER B 111 15.46 1.82 15.34
CA SER B 111 16.78 2.37 15.68
C SER B 111 16.81 3.90 15.76
N GLY B 112 15.88 4.60 15.12
CA GLY B 112 15.84 6.04 15.17
C GLY B 112 17.06 6.73 14.60
N LYS B 113 17.68 6.16 13.56
CA LYS B 113 18.90 6.72 13.01
C LYS B 113 18.86 6.96 11.51
N SER B 114 17.85 6.44 10.80
CA SER B 114 17.74 6.61 9.37
C SER B 114 17.79 8.08 8.98
N PRO B 115 18.79 8.52 8.20
CA PRO B 115 18.84 9.93 7.78
C PRO B 115 17.57 10.43 7.12
N ASP B 116 16.91 9.59 6.31
CA ASP B 116 15.66 10.00 5.68
C ASP B 116 14.58 10.30 6.71
N LEU B 117 14.42 9.41 7.71
CA LEU B 117 13.44 9.67 8.76
C LEU B 117 13.75 10.96 9.50
N LEU B 118 15.03 11.19 9.79
CA LEU B 118 15.42 12.38 10.54
C LEU B 118 15.10 13.65 9.74
N ARG B 119 15.45 13.65 8.44
CA ARG B 119 15.16 14.83 7.63
C ARG B 119 13.67 15.08 7.56
N ASN B 120 12.87 14.02 7.45
CA ASN B 120 11.42 14.17 7.40
C ASN B 120 10.88 14.71 8.71
N ALA B 121 11.43 14.21 9.84
CA ALA B 121 10.94 14.66 11.13
C ALA B 121 11.33 16.11 11.38
N GLU B 122 12.55 16.50 10.99
CA GLU B 122 12.95 17.90 11.08
C GLU B 122 12.05 18.80 10.25
N ALA B 123 11.70 18.36 9.03
CA ALA B 123 10.83 19.18 8.19
C ALA B 123 9.44 19.30 8.80
N ALA B 124 8.93 18.22 9.39
CA ALA B 124 7.62 18.28 10.03
C ALA B 124 7.62 19.27 11.18
N LYS B 125 8.66 19.23 12.02
CA LYS B 125 8.78 20.20 13.10
C LYS B 125 8.84 21.62 12.57
N ALA B 126 9.63 21.85 11.52
CA ALA B 126 9.75 23.19 10.95
C ALA B 126 8.42 23.68 10.40
N ALA B 127 7.58 22.76 9.92
CA ALA B 127 6.25 23.11 9.43
C ALA B 127 5.23 23.25 10.54
N GLY B 128 5.61 23.07 11.80
CA GLY B 128 4.69 23.26 12.91
C GLY B 128 3.98 22.02 13.39
N ALA B 129 4.41 20.84 12.95
CA ALA B 129 3.84 19.61 13.48
C ALA B 129 4.39 19.31 14.87
N ARG B 130 3.63 18.51 15.62
CA ARG B 130 4.11 17.93 16.87
C ARG B 130 4.70 16.57 16.54
N VAL B 131 6.01 16.42 16.76
CA VAL B 131 6.71 15.19 16.38
C VAL B 131 6.81 14.29 17.61
N ILE B 132 6.23 13.09 17.53
CA ILE B 132 6.47 12.11 18.58
C ILE B 132 7.19 10.92 17.96
N ALA B 133 8.02 10.26 18.77
CA ALA B 133 8.82 9.14 18.29
C ALA B 133 8.49 7.91 19.10
N LEU B 134 7.99 6.89 18.42
CA LEU B 134 7.90 5.53 18.99
C LEU B 134 9.15 4.82 18.52
N VAL B 135 10.11 4.63 19.44
CA VAL B 135 11.46 4.26 19.04
C VAL B 135 12.05 3.36 20.12
N ASN B 136 12.82 2.35 19.68
CA ASN B 136 13.38 1.43 20.68
C ASN B 136 14.67 1.97 21.28
N VAL B 137 15.48 2.67 20.49
CA VAL B 137 16.75 3.22 20.95
C VAL B 137 16.47 4.63 21.46
N GLU B 138 16.46 4.78 22.79
CA GLU B 138 15.92 5.98 23.41
C GLU B 138 16.85 7.18 23.35
N ASP B 139 18.15 6.98 23.10
CA ASP B 139 19.07 8.09 22.93
C ASP B 139 19.47 8.28 21.47
N SER B 140 18.66 7.77 20.55
CA SER B 140 18.91 7.88 19.13
C SER B 140 18.75 9.32 18.66
N PRO B 141 19.30 9.65 17.47
CA PRO B 141 19.05 10.99 16.92
C PRO B 141 17.58 11.33 16.79
N LEU B 142 16.75 10.34 16.46
CA LEU B 142 15.32 10.60 16.33
C LEU B 142 14.70 10.98 17.67
N ALA B 143 15.07 10.27 18.74
CA ALA B 143 14.53 10.58 20.06
C ALA B 143 14.92 11.98 20.49
N GLN B 144 16.17 12.38 20.24
CA GLN B 144 16.62 13.72 20.61
C GLN B 144 15.82 14.79 19.89
N LEU B 145 15.37 14.48 18.68
CA LEU B 145 14.64 15.42 17.83
C LEU B 145 13.20 15.59 18.29
N ALA B 146 12.58 14.51 18.75
CA ALA B 146 11.15 14.46 18.98
C ALA B 146 10.72 15.39 20.10
N ASP B 147 9.47 15.88 19.98
CA ASP B 147 8.87 16.64 21.08
C ASP B 147 8.54 15.72 22.26
N THR B 148 8.03 14.51 21.99
CA THR B 148 7.80 13.51 23.00
C THR B 148 8.33 12.17 22.51
N VAL B 149 9.05 11.46 23.38
CA VAL B 149 9.59 10.13 23.07
C VAL B 149 8.75 9.09 23.79
N ILE B 150 8.31 8.07 23.04
CA ILE B 150 7.67 6.88 23.60
C ILE B 150 8.63 5.71 23.38
N PRO B 151 9.45 5.35 24.35
CA PRO B 151 10.37 4.22 24.15
C PRO B 151 9.58 2.92 24.03
N LEU B 152 10.00 2.08 23.11
CA LEU B 152 9.31 0.80 22.93
C LEU B 152 9.66 -0.22 24.00
N HIS B 153 10.83 -0.07 24.65
CA HIS B 153 11.26 -0.93 25.75
C HIS B 153 11.36 -2.40 25.35
N ALA B 154 11.70 -2.65 24.09
CA ALA B 154 11.80 -4.02 23.61
C ALA B 154 13.15 -4.67 23.88
N GLY B 155 14.16 -3.91 24.33
CA GLY B 155 15.43 -4.55 24.51
C GLY B 155 16.10 -4.80 23.17
N ALA B 156 17.14 -5.62 23.21
CA ALA B 156 17.95 -5.89 22.03
C ALA B 156 17.38 -7.08 21.26
N GLU B 157 17.34 -6.95 19.94
CA GLU B 157 17.00 -8.06 19.05
C GLU B 157 18.28 -8.50 18.35
N LYS B 158 18.74 -9.70 18.66
CA LYS B 158 19.91 -10.24 18.00
C LYS B 158 19.57 -11.03 16.74
N SER B 159 18.35 -11.54 16.63
CA SER B 159 17.92 -12.13 15.37
C SER B 159 17.78 -11.02 14.33
N VAL B 160 18.11 -11.33 13.07
CA VAL B 160 17.80 -10.34 12.04
C VAL B 160 16.30 -10.22 11.84
N ALA B 161 15.50 -11.18 12.29
CA ALA B 161 14.05 -11.09 12.19
C ALA B 161 13.50 -10.24 13.34
N ALA B 162 12.83 -9.14 12.99
CA ALA B 162 12.15 -8.33 14.00
C ALA B 162 10.93 -9.08 14.53
N THR B 163 10.79 -9.14 15.86
CA THR B 163 9.60 -9.76 16.44
C THR B 163 9.04 -8.90 17.56
N LYS B 164 9.66 -8.96 18.74
CA LYS B 164 9.16 -8.20 19.88
C LYS B 164 9.16 -6.69 19.60
N SER B 165 10.07 -6.20 18.77
CA SER B 165 10.09 -4.78 18.45
C SER B 165 8.85 -4.36 17.65
N TYR B 166 8.36 -5.23 16.76
CA TYR B 166 7.14 -4.92 16.02
C TYR B 166 5.93 -4.98 16.94
N LEU B 167 5.82 -6.03 17.74
CA LEU B 167 4.71 -6.11 18.70
C LEU B 167 4.75 -4.93 19.67
N ALA B 168 5.94 -4.50 20.08
CA ALA B 168 6.04 -3.34 20.97
C ALA B 168 5.53 -2.08 20.30
N SER B 169 5.76 -1.93 18.99
CA SER B 169 5.24 -0.77 18.27
C SER B 169 3.71 -0.78 18.25
N LEU B 170 3.10 -1.93 18.01
CA LEU B 170 1.65 -2.01 18.05
C LEU B 170 1.12 -1.68 19.44
N ALA B 171 1.77 -2.21 20.47
CA ALA B 171 1.32 -1.96 21.85
C ALA B 171 1.38 -0.47 22.20
N ALA B 172 2.45 0.21 21.77
CA ALA B 172 2.58 1.63 22.09
C ALA B 172 1.47 2.44 21.42
N LEU B 173 1.14 2.09 20.18
CA LEU B 173 0.01 2.77 19.52
C LEU B 173 -1.29 2.52 20.27
N LEU B 174 -1.46 1.30 20.78
CA LEU B 174 -2.69 0.97 21.49
C LEU B 174 -2.80 1.75 22.81
N GLN B 175 -1.68 1.89 23.54
CA GLN B 175 -1.73 2.65 24.77
C GLN B 175 -1.99 4.13 24.48
N LEU B 176 -1.39 4.66 23.40
CA LEU B 176 -1.69 6.03 22.99
C LEU B 176 -3.18 6.20 22.71
N ALA B 177 -3.76 5.31 21.91
CA ALA B 177 -5.17 5.45 21.56
C ALA B 177 -6.04 5.36 22.81
N ALA B 178 -5.75 4.39 23.69
CA ALA B 178 -6.56 4.22 24.90
C ALA B 178 -6.55 5.47 25.76
N TYR B 179 -5.36 6.04 25.98
CA TYR B 179 -5.23 7.17 26.90
C TYR B 179 -5.75 8.46 26.28
N TRP B 180 -5.48 8.66 24.99
CA TRP B 180 -5.98 9.83 24.28
C TRP B 180 -7.51 9.87 24.30
N LYS B 181 -8.13 8.73 23.98
CA LYS B 181 -9.58 8.59 23.96
C LYS B 181 -10.19 8.63 25.34
N GLN B 182 -9.42 8.30 26.39
CA GLN B 182 -9.95 8.05 27.72
C GLN B 182 -10.94 6.90 27.69
N ASP B 183 -10.59 5.85 26.95
CA ASP B 183 -11.42 4.66 26.81
C ASP B 183 -11.11 3.73 27.98
N SER B 184 -11.98 3.74 28.99
CA SER B 184 -11.74 2.95 30.18
C SER B 184 -11.81 1.46 29.89
N SER B 185 -12.58 1.05 28.89
CA SER B 185 -12.62 -0.37 28.53
C SER B 185 -11.31 -0.83 27.93
N LEU B 186 -10.81 -0.08 26.94
CA LEU B 186 -9.53 -0.45 26.36
C LEU B 186 -8.41 -0.36 27.40
N ARG B 187 -8.46 0.66 28.28
CA ARG B 187 -7.46 0.76 29.34
C ARG B 187 -7.43 -0.50 30.20
N ALA B 188 -8.60 -1.01 30.58
CA ALA B 188 -8.65 -2.23 31.38
C ALA B 188 -8.09 -3.42 30.61
N ALA B 189 -8.34 -3.46 29.30
CA ALA B 189 -7.82 -4.58 28.50
C ALA B 189 -6.29 -4.53 28.39
N LEU B 190 -5.67 -3.35 28.49
CA LEU B 190 -4.21 -3.29 28.42
C LEU B 190 -3.56 -4.08 29.54
N ASP B 191 -4.19 -4.10 30.72
CA ASP B 191 -3.67 -4.88 31.84
C ASP B 191 -3.74 -6.37 31.56
N LEU B 192 -4.66 -6.78 30.69
CA LEU B 192 -4.88 -8.18 30.35
C LEU B 192 -4.10 -8.63 29.13
N LEU B 193 -3.51 -7.69 28.40
CA LEU B 193 -2.89 -7.98 27.13
C LEU B 193 -1.65 -8.88 27.26
N PRO B 194 -0.75 -8.67 28.23
CA PRO B 194 0.40 -9.59 28.32
C PRO B 194 -0.02 -11.05 28.51
N ASP B 195 -0.98 -11.34 29.38
CA ASP B 195 -1.41 -12.73 29.52
C ASP B 195 -2.02 -13.26 28.22
N ALA B 196 -2.74 -12.40 27.49
CA ALA B 196 -3.28 -12.83 26.20
C ALA B 196 -2.18 -13.14 25.19
N LEU B 197 -1.12 -12.32 25.17
CA LEU B 197 0.02 -12.65 24.32
C LEU B 197 0.64 -13.99 24.71
N ARG B 198 0.72 -14.27 26.02
CA ARG B 198 1.24 -15.56 26.45
C ARG B 198 0.38 -16.71 25.95
N GLU B 199 -0.94 -16.54 25.95
CA GLU B 199 -1.82 -17.57 25.38
C GLU B 199 -1.64 -17.68 23.87
N ALA B 200 -1.47 -16.54 23.19
CA ALA B 200 -1.31 -16.56 21.74
C ALA B 200 -0.05 -17.31 21.34
N TRP B 201 1.01 -17.17 22.14
CA TRP B 201 2.26 -17.87 21.88
C TRP B 201 2.09 -19.39 21.93
N GLN B 202 1.06 -19.88 22.61
CA GLN B 202 0.83 -21.31 22.75
C GLN B 202 -0.15 -21.87 21.71
N CYS B 203 -0.66 -21.04 20.80
CA CYS B 203 -1.59 -21.53 19.79
C CYS B 203 -0.88 -22.44 18.81
N ASP B 204 -1.54 -23.55 18.47
CA ASP B 204 -0.96 -24.57 17.60
C ASP B 204 -1.32 -24.25 16.17
N TRP B 205 -0.37 -23.67 15.43
CA TRP B 205 -0.56 -23.37 14.01
C TRP B 205 0.21 -24.34 13.13
N SER B 206 0.42 -25.57 13.60
CA SER B 206 1.22 -26.53 12.86
C SER B 206 0.62 -26.85 11.49
N ALA B 207 -0.69 -26.68 11.32
CA ALA B 207 -1.30 -26.98 10.02
C ALA B 207 -0.76 -26.07 8.92
N VAL B 208 -0.53 -24.80 9.24
CA VAL B 208 -0.04 -23.93 8.18
C VAL B 208 1.48 -24.09 8.01
N THR B 209 2.21 -24.34 9.09
CA THR B 209 3.63 -24.70 8.97
C THR B 209 3.79 -25.91 8.05
N GLU B 210 3.06 -26.99 8.33
CA GLU B 210 3.20 -28.21 7.53
CA GLU B 210 3.23 -28.20 7.53
C GLU B 210 2.75 -27.99 6.10
N GLY B 211 1.66 -27.24 5.91
CA GLY B 211 1.13 -27.05 4.58
C GLY B 211 1.95 -26.15 3.67
N LEU B 212 2.85 -25.35 4.23
CA LEU B 212 3.64 -24.43 3.42
C LEU B 212 5.09 -24.88 3.21
N VAL B 213 5.47 -26.05 3.71
CA VAL B 213 6.85 -26.50 3.55
C VAL B 213 7.27 -26.49 2.08
N GLU B 214 6.39 -26.96 1.19
CA GLU B 214 6.70 -27.05 -0.23
C GLU B 214 6.14 -25.89 -1.06
N ALA B 215 5.64 -24.84 -0.41
CA ALA B 215 4.94 -23.79 -1.13
C ALA B 215 5.90 -22.89 -1.92
N THR B 216 5.39 -22.31 -3.01
CA THR B 216 6.15 -21.39 -3.84
C THR B 216 5.49 -20.02 -3.99
N ASN B 217 4.25 -19.87 -3.52
CA ASN B 217 3.51 -18.61 -3.58
C ASN B 217 2.50 -18.64 -2.44
N LEU B 218 2.07 -17.47 -1.98
CA LEU B 218 1.06 -17.36 -0.94
C LEU B 218 0.46 -15.96 -1.00
N PHE B 219 -0.86 -15.86 -0.76
CA PHE B 219 -1.46 -14.59 -0.37
C PHE B 219 -1.71 -14.60 1.14
N VAL B 220 -1.37 -13.49 1.80
CA VAL B 220 -1.78 -13.25 3.18
C VAL B 220 -2.85 -12.16 3.14
N LEU B 221 -4.10 -12.52 3.45
CA LEU B 221 -5.21 -11.59 3.34
C LEU B 221 -5.53 -10.96 4.70
N GLY B 222 -5.85 -9.66 4.68
CA GLY B 222 -6.34 -9.00 5.87
C GLY B 222 -7.15 -7.79 5.46
N ARG B 223 -7.80 -7.18 6.43
CA ARG B 223 -8.61 -6.00 6.13
C ARG B 223 -8.76 -5.18 7.40
N GLY B 224 -8.76 -3.87 7.27
CA GLY B 224 -9.06 -3.01 8.42
C GLY B 224 -8.10 -3.25 9.59
N LEU B 225 -8.68 -3.70 10.71
CA LEU B 225 -7.92 -3.91 11.95
C LEU B 225 -6.70 -4.78 11.74
N GLY B 226 -6.82 -5.83 10.91
CA GLY B 226 -5.74 -6.78 10.73
C GLY B 226 -4.86 -6.61 9.51
N LEU B 227 -5.03 -5.53 8.74
CA LEU B 227 -4.25 -5.40 7.51
C LEU B 227 -2.76 -5.28 7.82
N GLY B 228 -2.38 -4.48 8.81
CA GLY B 228 -0.97 -4.35 9.16
C GLY B 228 -0.35 -5.67 9.57
N ALA B 229 -1.13 -6.55 10.21
CA ALA B 229 -0.62 -7.86 10.58
C ALA B 229 -0.38 -8.72 9.36
N ALA B 230 -1.29 -8.67 8.38
CA ALA B 230 -1.07 -9.40 7.13
C ALA B 230 0.17 -8.90 6.41
N GLN B 231 0.35 -7.57 6.37
CA GLN B 231 1.53 -6.99 5.74
C GLN B 231 2.81 -7.49 6.40
N GLU B 232 2.82 -7.55 7.74
CA GLU B 232 4.03 -8.00 8.42
C GLU B 232 4.25 -9.51 8.24
N ALA B 233 3.17 -10.29 8.24
CA ALA B 233 3.31 -11.73 8.02
C ALA B 233 3.94 -11.99 6.65
N ALA B 234 3.48 -11.29 5.62
CA ALA B 234 4.04 -11.51 4.29
C ALA B 234 5.52 -11.16 4.23
N LEU B 235 5.91 -10.07 4.91
CA LEU B 235 7.33 -9.72 4.96
C LEU B 235 8.13 -10.82 5.63
N LYS B 236 7.60 -11.37 6.72
CA LYS B 236 8.30 -12.44 7.42
C LYS B 236 8.47 -13.66 6.54
N PHE B 237 7.43 -14.04 5.77
CA PHE B 237 7.58 -15.16 4.85
C PHE B 237 8.68 -14.91 3.82
N LYS B 238 8.73 -13.70 3.26
CA LYS B 238 9.79 -13.38 2.30
C LYS B 238 11.16 -13.50 2.95
N GLU B 239 11.32 -12.93 4.14
CA GLU B 239 12.65 -12.79 4.72
C GLU B 239 13.16 -14.09 5.32
N THR B 240 12.30 -14.84 6.01
CA THR B 240 12.77 -16.02 6.74
C THR B 240 12.61 -17.30 5.96
N CYS B 241 11.71 -17.35 4.96
CA CYS B 241 11.33 -18.58 4.30
C CYS B 241 11.59 -18.58 2.80
N SER B 242 12.05 -17.45 2.25
CA SER B 242 12.29 -17.33 0.82
CA SER B 242 12.28 -17.30 0.82
C SER B 242 11.04 -17.74 0.03
N LEU B 243 9.89 -17.26 0.49
CA LEU B 243 8.60 -17.60 -0.08
C LEU B 243 7.95 -16.31 -0.59
N HIS B 244 7.46 -16.32 -1.83
CA HIS B 244 6.79 -15.13 -2.35
C HIS B 244 5.37 -15.09 -1.80
N ALA B 245 5.28 -14.73 -0.54
CA ALA B 245 4.02 -14.36 0.09
C ALA B 245 3.76 -12.89 -0.17
N GLU B 246 2.52 -12.56 -0.51
CA GLU B 246 2.13 -11.18 -0.79
C GLU B 246 0.91 -10.83 0.06
N ALA B 247 1.01 -9.76 0.85
CA ALA B 247 -0.14 -9.29 1.59
C ALA B 247 -1.13 -8.62 0.65
N TYR B 248 -2.41 -8.81 0.92
CA TYR B 248 -3.43 -8.24 0.05
C TYR B 248 -4.67 -7.92 0.86
N SER B 249 -5.26 -6.75 0.61
CA SER B 249 -6.51 -6.40 1.27
C SER B 249 -7.63 -7.30 0.78
N SER B 250 -8.36 -7.92 1.71
CA SER B 250 -9.50 -8.71 1.31
C SER B 250 -10.64 -7.85 0.75
N ALA B 251 -10.58 -6.52 0.92
CA ALA B 251 -11.51 -5.63 0.22
C ALA B 251 -11.29 -5.68 -1.29
N GLU B 252 -10.09 -6.05 -1.73
CA GLU B 252 -9.73 -6.11 -3.14
C GLU B 252 -9.55 -7.54 -3.62
N VAL B 253 -10.20 -8.50 -2.96
CA VAL B 253 -9.96 -9.92 -3.25
C VAL B 253 -10.34 -10.29 -4.67
N LYS B 254 -11.27 -9.55 -5.29
CA LYS B 254 -11.68 -9.81 -6.67
C LYS B 254 -10.57 -9.56 -7.68
N HIS B 255 -9.46 -8.92 -7.27
CA HIS B 255 -8.36 -8.69 -8.20
C HIS B 255 -7.27 -9.74 -8.05
N GLY B 256 -6.15 -9.40 -7.43
CA GLY B 256 -5.03 -10.32 -7.34
C GLY B 256 -5.37 -11.73 -6.90
N PRO B 257 -6.03 -11.89 -5.75
CA PRO B 257 -6.33 -13.25 -5.27
C PRO B 257 -7.24 -14.03 -6.19
N MET B 258 -8.34 -13.45 -6.68
CA MET B 258 -9.16 -14.18 -7.63
C MET B 258 -8.40 -14.50 -8.91
N ALA B 259 -7.39 -13.69 -9.26
CA ALA B 259 -6.61 -13.98 -10.47
C ALA B 259 -5.69 -15.19 -10.28
N LEU B 260 -5.04 -15.30 -9.11
CA LEU B 260 -3.93 -16.24 -8.97
C LEU B 260 -4.17 -17.40 -8.01
N VAL B 261 -5.11 -17.29 -7.06
CA VAL B 261 -5.25 -18.38 -6.09
C VAL B 261 -5.63 -19.67 -6.81
N ASP B 262 -5.01 -20.77 -6.42
CA ASP B 262 -5.21 -22.03 -7.14
C ASP B 262 -4.60 -23.13 -6.29
N ARG B 263 -4.75 -24.37 -6.76
CA ARG B 263 -3.89 -25.40 -6.23
C ARG B 263 -2.44 -24.98 -6.47
N GLY B 264 -1.64 -24.98 -5.42
CA GLY B 264 -0.29 -24.48 -5.55
C GLY B 264 -0.12 -22.99 -5.34
N PHE B 265 -1.19 -22.26 -5.05
CA PHE B 265 -1.10 -20.84 -4.69
C PHE B 265 -2.08 -20.61 -3.54
N PRO B 266 -1.66 -20.91 -2.32
CA PRO B 266 -2.59 -20.95 -1.18
C PRO B 266 -2.85 -19.57 -0.58
N VAL B 267 -3.73 -19.56 0.43
CA VAL B 267 -4.18 -18.35 1.11
C VAL B 267 -4.07 -18.55 2.61
N LEU B 268 -3.47 -17.59 3.30
CA LEU B 268 -3.55 -17.44 4.75
C LEU B 268 -4.33 -16.16 5.02
N ALA B 269 -5.45 -16.26 5.72
CA ALA B 269 -6.30 -15.09 5.94
C ALA B 269 -6.40 -14.77 7.42
N PHE B 270 -6.25 -13.49 7.75
CA PHE B 270 -6.47 -12.99 9.10
C PHE B 270 -7.84 -12.33 9.13
N ALA B 271 -8.79 -12.92 9.83
CA ALA B 271 -10.17 -12.45 9.83
C ALA B 271 -10.56 -11.85 11.17
N GLN B 272 -11.40 -10.83 11.12
CA GLN B 272 -12.03 -10.31 12.33
C GLN B 272 -13.30 -11.10 12.63
N PRO B 273 -13.79 -11.05 13.87
CA PRO B 273 -14.96 -11.88 14.22
C PRO B 273 -16.20 -11.60 13.41
N ASP B 274 -16.30 -10.45 12.77
CA ASP B 274 -17.44 -10.15 11.91
C ASP B 274 -17.32 -10.81 10.54
N GLU B 275 -16.37 -11.73 10.38
CA GLU B 275 -16.17 -12.50 9.14
C GLU B 275 -15.63 -11.62 8.01
N THR B 276 -14.76 -10.68 8.36
CA THR B 276 -14.06 -9.85 7.40
C THR B 276 -12.57 -10.13 7.49
N GLY B 277 -11.88 -10.08 6.35
CA GLY B 277 -10.44 -10.30 6.35
C GLY B 277 -10.03 -11.37 5.37
N ALA B 278 -11.00 -12.16 4.90
CA ALA B 278 -10.75 -13.22 3.94
C ALA B 278 -11.61 -13.13 2.69
N GLY B 279 -12.50 -12.14 2.60
CA GLY B 279 -13.53 -12.13 1.58
C GLY B 279 -14.81 -12.75 2.12
N THR B 280 -15.79 -12.88 1.24
CA THR B 280 -17.06 -13.47 1.64
C THR B 280 -16.95 -14.99 1.68
N ARG B 281 -18.02 -15.63 2.15
CA ARG B 281 -18.07 -17.09 2.15
C ARG B 281 -17.97 -17.63 0.73
N ALA B 282 -18.57 -16.93 -0.23
CA ALA B 282 -18.50 -17.36 -1.63
C ALA B 282 -17.07 -17.29 -2.15
N VAL B 283 -16.31 -16.28 -1.71
CA VAL B 283 -14.93 -16.15 -2.15
C VAL B 283 -14.10 -17.32 -1.63
N VAL B 284 -14.20 -17.60 -0.33
CA VAL B 284 -13.44 -18.70 0.27
C VAL B 284 -13.83 -20.02 -0.38
N GLU B 285 -15.13 -20.20 -0.65
CA GLU B 285 -15.60 -21.42 -1.30
C GLU B 285 -15.02 -21.55 -2.71
N GLU B 286 -14.89 -20.43 -3.43
CA GLU B 286 -14.29 -20.52 -4.76
C GLU B 286 -12.83 -20.92 -4.67
N PHE B 287 -12.08 -20.34 -3.71
CA PHE B 287 -10.70 -20.74 -3.50
C PHE B 287 -10.59 -22.23 -3.23
N THR B 288 -11.45 -22.74 -2.35
CA THR B 288 -11.40 -24.15 -1.99
C THR B 288 -11.75 -25.04 -3.19
N ALA B 289 -12.74 -24.62 -3.99
CA ALA B 289 -13.13 -25.41 -5.15
C ALA B 289 -12.01 -25.52 -6.18
N ARG B 290 -11.16 -24.50 -6.25
CA ARG B 290 -9.99 -24.54 -7.12
C ARG B 290 -8.92 -25.51 -6.63
N GLY B 291 -9.03 -26.00 -5.41
CA GLY B 291 -8.02 -26.87 -4.84
C GLY B 291 -6.97 -26.15 -4.02
N ALA B 292 -7.14 -24.86 -3.77
CA ALA B 292 -6.19 -24.12 -2.96
C ALA B 292 -6.32 -24.50 -1.48
N GLN B 293 -5.19 -24.60 -0.80
CA GLN B 293 -5.20 -24.62 0.67
C GLN B 293 -5.59 -23.25 1.19
N VAL B 294 -6.48 -23.22 2.18
CA VAL B 294 -6.91 -21.97 2.81
C VAL B 294 -6.85 -22.16 4.32
N TRP B 295 -6.12 -21.29 5.00
CA TRP B 295 -6.13 -21.23 6.45
C TRP B 295 -6.66 -19.87 6.86
N MET B 296 -7.43 -19.84 7.94
CA MET B 296 -7.98 -18.60 8.46
CA MET B 296 -7.98 -18.59 8.46
C MET B 296 -7.77 -18.55 9.96
N ALA B 297 -7.13 -17.50 10.43
CA ALA B 297 -7.04 -17.22 11.86
C ALA B 297 -8.08 -16.16 12.18
N GLY B 298 -9.04 -16.52 13.03
CA GLY B 298 -10.12 -15.65 13.39
C GLY B 298 -11.44 -16.10 12.78
N ALA B 299 -12.53 -15.63 13.40
CA ALA B 299 -13.89 -15.91 12.93
C ALA B 299 -14.16 -17.42 12.82
N GLY B 300 -13.74 -18.17 13.84
CA GLY B 300 -13.93 -19.60 13.83
C GLY B 300 -13.17 -20.34 12.75
N GLY B 301 -12.10 -19.74 12.22
CA GLY B 301 -11.28 -20.38 11.22
C GLY B 301 -10.52 -21.57 11.78
N ASN B 302 -9.83 -22.27 10.87
CA ASN B 302 -9.15 -23.50 11.22
C ASN B 302 -7.83 -23.28 11.95
N LEU B 303 -7.39 -22.04 12.14
CA LEU B 303 -6.23 -21.80 12.99
C LEU B 303 -6.70 -21.27 14.34
N PRO B 304 -6.30 -21.89 15.46
CA PRO B 304 -6.78 -21.43 16.76
C PRO B 304 -6.14 -20.11 17.16
N VAL B 305 -6.93 -19.25 17.78
CA VAL B 305 -6.44 -17.94 18.21
C VAL B 305 -6.75 -17.75 19.69
N ALA B 306 -5.95 -16.92 20.33
CA ALA B 306 -6.20 -16.59 21.72
C ALA B 306 -7.36 -15.62 21.82
N ALA B 307 -8.13 -15.72 22.91
CA ALA B 307 -9.26 -14.83 23.13
C ALA B 307 -8.76 -13.41 23.44
N ALA B 308 -9.17 -12.44 22.64
CA ALA B 308 -8.70 -11.07 22.82
C ALA B 308 -9.46 -10.40 23.96
N PRO B 309 -8.76 -9.77 24.92
CA PRO B 309 -9.47 -9.06 25.99
C PRO B 309 -10.21 -7.82 25.50
N HIS B 310 -9.87 -7.30 24.32
CA HIS B 310 -10.56 -6.19 23.68
C HIS B 310 -10.36 -6.46 22.20
N PRO B 311 -11.38 -6.25 21.37
CA PRO B 311 -11.21 -6.51 19.93
C PRO B 311 -10.01 -5.82 19.31
N LEU B 312 -9.66 -4.62 19.77
CA LEU B 312 -8.54 -3.92 19.13
C LEU B 312 -7.20 -4.58 19.42
N CYS B 313 -7.13 -5.48 20.40
CA CYS B 313 -5.91 -6.21 20.73
C CYS B 313 -5.64 -7.36 19.77
N ALA B 314 -6.65 -7.81 19.02
CA ALA B 314 -6.56 -9.08 18.32
C ALA B 314 -5.37 -9.18 17.36
N PRO B 315 -5.02 -8.18 16.56
CA PRO B 315 -3.87 -8.34 15.65
C PRO B 315 -2.55 -8.61 16.36
N LEU B 316 -2.35 -8.08 17.57
CA LEU B 316 -1.13 -8.41 18.29
C LEU B 316 -1.07 -9.89 18.61
N LEU B 317 -2.22 -10.45 18.99
CA LEU B 317 -2.27 -11.87 19.31
C LEU B 317 -2.05 -12.71 18.05
N THR B 318 -2.66 -12.30 16.93
CA THR B 318 -2.46 -13.01 15.68
C THR B 318 -0.98 -13.06 15.30
N VAL B 319 -0.30 -11.93 15.41
CA VAL B 319 1.11 -11.85 15.05
C VAL B 319 1.95 -12.69 16.01
N GLN B 320 1.63 -12.63 17.30
CA GLN B 320 2.35 -13.44 18.27
C GLN B 320 2.26 -14.93 17.94
N SER B 321 1.06 -15.41 17.58
CA SER B 321 0.90 -16.80 17.18
C SER B 321 1.67 -17.10 15.89
N PHE B 322 1.58 -16.20 14.91
CA PHE B 322 2.21 -16.41 13.63
C PHE B 322 3.74 -16.50 13.75
N TYR B 323 4.35 -15.75 14.68
CA TYR B 323 5.81 -15.81 14.80
C TYR B 323 6.29 -17.23 15.09
N ARG B 324 5.55 -17.97 15.94
CA ARG B 324 5.96 -19.33 16.26
C ARG B 324 5.84 -20.23 15.04
N ALA B 325 4.74 -20.10 14.29
CA ALA B 325 4.54 -20.89 13.08
C ALA B 325 5.59 -20.61 12.02
N ILE B 326 5.94 -19.33 11.82
CA ILE B 326 6.87 -18.97 10.76
C ILE B 326 8.30 -19.34 11.14
N ASN B 327 8.65 -19.24 12.43
CA ASN B 327 9.94 -19.73 12.88
C ASN B 327 10.10 -21.21 12.57
N ALA B 328 9.07 -22.00 12.88
CA ALA B 328 9.12 -23.43 12.60
C ALA B 328 9.16 -23.71 11.10
N LEU B 329 8.40 -22.95 10.31
CA LEU B 329 8.39 -23.15 8.86
C LEU B 329 9.75 -22.84 8.23
N ALA B 330 10.41 -21.77 8.69
CA ALA B 330 11.72 -21.44 8.13
C ALA B 330 12.67 -22.61 8.27
N LEU B 331 12.71 -23.22 9.46
CA LEU B 331 13.61 -24.35 9.68
C LEU B 331 13.19 -25.55 8.82
N ARG B 332 11.88 -25.80 8.68
CA ARG B 332 11.43 -26.91 7.85
C ARG B 332 11.81 -26.70 6.39
N ARG B 333 11.86 -25.45 5.94
CA ARG B 333 12.26 -25.12 4.58
C ARG B 333 13.76 -25.04 4.41
N GLY B 334 14.53 -25.28 5.48
CA GLY B 334 15.97 -25.28 5.39
C GLY B 334 16.63 -23.93 5.55
N PHE B 335 16.01 -23.00 6.27
CA PHE B 335 16.55 -21.66 6.46
C PHE B 335 16.70 -21.34 7.94
N ASN B 336 17.79 -20.64 8.26
CA ASN B 336 18.01 -20.11 9.59
C ASN B 336 17.37 -18.73 9.67
N PRO B 337 16.27 -18.55 10.41
CA PRO B 337 15.60 -17.23 10.40
C PRO B 337 16.38 -16.14 11.10
N ASP B 338 17.47 -16.47 11.79
CA ASP B 338 18.27 -15.47 12.48
C ASP B 338 19.28 -14.81 11.57
N LEU B 339 19.55 -15.36 10.40
CA LEU B 339 20.51 -14.81 9.47
C LEU B 339 19.81 -14.16 8.28
N PRO B 340 20.48 -13.24 7.60
CA PRO B 340 19.86 -12.54 6.49
C PRO B 340 19.55 -13.47 5.33
N PRO B 341 18.60 -13.11 4.48
CA PRO B 341 18.37 -13.86 3.26
C PRO B 341 19.64 -13.95 2.42
N HIS B 342 19.76 -15.06 1.69
CA HIS B 342 20.91 -15.41 0.85
C HIS B 342 22.11 -15.82 1.68
N LEU B 343 22.05 -15.64 3.00
CA LEU B 343 23.14 -16.04 3.89
C LEU B 343 22.68 -17.07 4.90
N ASN B 344 21.49 -17.64 4.73
CA ASN B 344 20.84 -18.34 5.83
C ASN B 344 20.38 -19.75 5.46
N LYS B 345 20.69 -20.24 4.27
CA LYS B 345 20.38 -21.63 3.94
C LYS B 345 21.21 -22.56 4.81
N VAL B 346 20.54 -23.56 5.40
CA VAL B 346 21.23 -24.50 6.27
C VAL B 346 21.58 -25.78 5.51
#